data_4U08
#
_entry.id   4U08
#
_cell.length_a   105.696
_cell.length_b   105.696
_cell.length_c   161.723
_cell.angle_alpha   90.00
_cell.angle_beta   90.00
_cell.angle_gamma   120.00
#
_symmetry.space_group_name_H-M   'P 32 2 1'
#
loop_
_entity.id
_entity.type
_entity.pdbx_description
1 polymer LIC11098
2 non-polymer 'ZINC ION'
3 non-polymer 'CALCIUM ION'
4 non-polymer 'SULFATE ION'
5 water water
#
_entity_poly.entity_id   1
_entity_poly.type   'polypeptide(L)'
_entity_poly.pdbx_seq_one_letter_code
;QSNEAQTYYRNITEALKNPQNVRILNLSGSKLTTLPGEIGKLQNLQLLNLDDNQLIALPKEIGKLQNLQQLHLSKNQL
(MSE)ALPEEIGQLQNLQKLKLYENQLTAIPKEIGQLQNLQELNLAHNQLATLPEDIEQLQRLQTLYLGHNQFNSILKEI
GQLQNLESLGLDHNQLNVLPKEIGQLRNLESLGLDHNQLNVLPKEIGQLQNLQILHLRNNQLTTLPKEIGQLQNLQKLLL
NKNKLTTLPKEIGQLQNLQKLKLYENQLTTLPKEIGQLQNLQELDLDGNQLTTLPENIGQLQRLQTLYLGNNQLNFLPKE
IGQLRNLESLDLEHNQLNALPKEIGKLQKLQTLNLKYNQLATLPEEIKQLKNLKKLYLHNNPLPSEKIARIRKLLPQCII
YFEE
;
_entity_poly.pdbx_strand_id   A,B
#
loop_
_chem_comp.id
_chem_comp.type
_chem_comp.name
_chem_comp.formula
CA non-polymer 'CALCIUM ION' 'Ca 2'
SO4 non-polymer 'SULFATE ION' 'O4 S -2'
ZN non-polymer 'ZINC ION' 'Zn 2'
#
# COMPACT_ATOMS: atom_id res chain seq x y z
N GLN A 6 24.74 10.60 -25.39
CA GLN A 6 24.14 9.31 -25.04
C GLN A 6 24.60 8.85 -23.66
N THR A 7 23.64 8.65 -22.73
CA THR A 7 23.89 8.21 -21.35
C THR A 7 23.26 6.84 -21.05
N TYR A 8 22.25 6.44 -21.84
CA TYR A 8 21.53 5.18 -21.72
C TYR A 8 22.07 4.20 -22.76
N TYR A 9 22.55 3.04 -22.29
CA TYR A 9 23.10 2.01 -23.17
C TYR A 9 22.45 0.68 -22.92
N ARG A 10 22.28 -0.11 -23.98
CA ARG A 10 21.67 -1.45 -23.92
C ARG A 10 22.69 -2.48 -24.43
N ASN A 11 23.89 -1.99 -24.84
CA ASN A 11 24.97 -2.80 -25.42
C ASN A 11 26.32 -2.41 -24.80
N ILE A 12 27.00 -3.38 -24.16
CA ILE A 12 28.29 -3.18 -23.48
C ILE A 12 29.40 -2.76 -24.48
N THR A 13 29.39 -3.30 -25.72
CA THR A 13 30.39 -2.93 -26.75
C THR A 13 30.26 -1.44 -27.10
N GLU A 14 29.03 -0.96 -27.28
CA GLU A 14 28.72 0.45 -27.57
C GLU A 14 29.07 1.32 -26.38
N ALA A 15 28.76 0.84 -25.15
CA ALA A 15 29.05 1.53 -23.89
C ALA A 15 30.55 1.71 -23.70
N LEU A 16 31.34 0.71 -24.11
CA LEU A 16 32.80 0.74 -24.00
C LEU A 16 33.49 1.65 -25.02
N LYS A 17 32.80 1.97 -26.15
CA LYS A 17 33.34 2.89 -27.18
C LYS A 17 33.30 4.33 -26.65
N ASN A 18 32.26 4.63 -25.86
CA ASN A 18 32.04 5.94 -25.26
C ASN A 18 31.92 5.79 -23.72
N PRO A 19 33.03 5.49 -23.00
CA PRO A 19 32.91 5.43 -21.53
C PRO A 19 32.92 6.85 -20.96
N GLN A 20 32.76 7.01 -19.64
CA GLN A 20 32.67 8.32 -18.97
C GLN A 20 31.32 9.04 -19.25
N ASN A 21 30.52 8.48 -20.18
CA ASN A 21 29.21 8.99 -20.59
C ASN A 21 28.10 8.05 -20.13
N VAL A 22 28.40 6.74 -19.99
CA VAL A 22 27.44 5.70 -19.60
C VAL A 22 26.98 5.95 -18.16
N ARG A 23 25.67 6.19 -17.98
CA ARG A 23 25.03 6.42 -16.69
C ARG A 23 24.13 5.26 -16.32
N ILE A 24 23.48 4.67 -17.35
CA ILE A 24 22.60 3.51 -17.20
C ILE A 24 22.98 2.48 -18.24
N LEU A 25 23.26 1.25 -17.80
CA LEU A 25 23.55 0.14 -18.68
C LEU A 25 22.52 -0.96 -18.42
N ASN A 26 21.65 -1.18 -19.40
CA ASN A 26 20.58 -2.15 -19.33
C ASN A 26 20.90 -3.37 -20.19
N LEU A 27 21.31 -4.46 -19.54
CA LEU A 27 21.62 -5.71 -20.25
C LEU A 27 20.65 -6.84 -19.90
N SER A 28 19.47 -6.50 -19.32
CA SER A 28 18.48 -7.51 -18.93
C SER A 28 17.99 -8.35 -20.11
N GLY A 29 17.67 -9.61 -19.85
CA GLY A 29 17.15 -10.57 -20.81
C GLY A 29 17.92 -10.66 -22.12
N SER A 30 19.26 -10.66 -22.03
CA SER A 30 20.15 -10.72 -23.20
C SER A 30 20.98 -12.02 -23.25
N LYS A 31 20.55 -13.07 -22.48
CA LYS A 31 21.22 -14.36 -22.38
C LYS A 31 22.74 -14.21 -22.06
N LEU A 32 23.07 -13.22 -21.21
CA LEU A 32 24.44 -12.92 -20.80
C LEU A 32 24.93 -14.02 -19.86
N THR A 33 26.01 -14.72 -20.29
CA THR A 33 26.61 -15.83 -19.54
C THR A 33 27.79 -15.38 -18.68
N THR A 34 28.41 -14.25 -19.05
CA THR A 34 29.55 -13.70 -18.33
C THR A 34 29.57 -12.20 -18.48
N LEU A 35 29.95 -11.49 -17.41
CA LEU A 35 30.06 -10.05 -17.47
C LEU A 35 31.54 -9.73 -17.68
N PRO A 36 31.92 -9.09 -18.80
CA PRO A 36 33.35 -8.79 -19.03
C PRO A 36 33.95 -7.89 -17.96
N GLY A 37 35.22 -8.14 -17.61
CA GLY A 37 35.98 -7.37 -16.63
C GLY A 37 36.08 -5.89 -16.98
N GLU A 38 35.94 -5.55 -18.28
CA GLU A 38 35.99 -4.16 -18.77
C GLU A 38 34.82 -3.30 -18.25
N ILE A 39 33.88 -3.91 -17.48
CA ILE A 39 32.76 -3.21 -16.85
C ILE A 39 33.28 -2.10 -15.92
N GLY A 40 34.43 -2.36 -15.28
CA GLY A 40 35.11 -1.45 -14.37
C GLY A 40 35.51 -0.12 -14.96
N LYS A 41 35.59 -0.06 -16.31
CA LYS A 41 35.95 1.15 -17.03
C LYS A 41 34.83 2.19 -17.03
N LEU A 42 33.54 1.75 -16.86
CA LEU A 42 32.37 2.64 -16.82
C LEU A 42 32.31 3.35 -15.46
N GLN A 43 33.25 4.28 -15.22
CA GLN A 43 33.44 5.02 -13.97
C GLN A 43 32.25 5.89 -13.54
N ASN A 44 31.40 6.33 -14.49
CA ASN A 44 30.25 7.17 -14.13
C ASN A 44 28.92 6.39 -14.08
N LEU A 45 28.96 5.06 -14.22
CA LEU A 45 27.78 4.18 -14.18
C LEU A 45 27.05 4.33 -12.86
N GLN A 46 25.73 4.58 -12.92
CA GLN A 46 24.88 4.76 -11.74
C GLN A 46 23.92 3.60 -11.56
N LEU A 47 23.48 3.00 -12.68
CA LEU A 47 22.56 1.87 -12.65
C LEU A 47 22.99 0.81 -13.64
N LEU A 48 23.10 -0.41 -13.14
CA LEU A 48 23.48 -1.56 -13.94
C LEU A 48 22.39 -2.61 -13.82
N ASN A 49 21.73 -2.91 -14.93
CA ASN A 49 20.67 -3.90 -14.92
C ASN A 49 21.15 -5.18 -15.63
N LEU A 50 21.33 -6.24 -14.83
CA LEU A 50 21.79 -7.55 -15.30
C LEU A 50 20.72 -8.62 -15.08
N ASP A 51 19.46 -8.20 -14.81
CA ASP A 51 18.33 -9.09 -14.52
C ASP A 51 18.04 -10.05 -15.64
N ASP A 52 17.51 -11.23 -15.30
CA ASP A 52 17.06 -12.26 -16.25
C ASP A 52 18.16 -12.63 -17.25
N ASN A 53 19.29 -13.14 -16.75
CA ASN A 53 20.41 -13.57 -17.59
C ASN A 53 20.91 -14.93 -17.07
N GLN A 54 22.10 -15.41 -17.51
CA GLN A 54 22.60 -16.70 -17.06
C GLN A 54 23.94 -16.61 -16.33
N LEU A 55 24.18 -15.48 -15.61
CA LEU A 55 25.41 -15.24 -14.85
C LEU A 55 25.57 -16.22 -13.69
N ILE A 56 26.74 -16.84 -13.58
CA ILE A 56 27.07 -17.78 -12.51
C ILE A 56 27.96 -17.11 -11.47
N ALA A 57 28.69 -16.06 -11.89
CA ALA A 57 29.60 -15.28 -11.06
C ALA A 57 29.76 -13.86 -11.61
N LEU A 58 30.48 -12.99 -10.89
CA LEU A 58 30.76 -11.62 -11.32
C LEU A 58 32.26 -11.37 -11.32
N PRO A 59 32.79 -10.55 -12.27
CA PRO A 59 34.23 -10.23 -12.24
C PRO A 59 34.58 -9.36 -11.02
N LYS A 60 35.83 -9.44 -10.55
CA LYS A 60 36.34 -8.67 -9.41
C LYS A 60 36.34 -7.16 -9.72
N GLU A 61 36.40 -6.81 -11.01
CA GLU A 61 36.41 -5.42 -11.49
C GLU A 61 35.09 -4.69 -11.26
N ILE A 62 34.02 -5.43 -10.88
CA ILE A 62 32.71 -4.83 -10.54
C ILE A 62 32.89 -3.84 -9.38
N GLY A 63 33.88 -4.10 -8.51
CA GLY A 63 34.23 -3.25 -7.38
C GLY A 63 34.71 -1.86 -7.75
N LYS A 64 35.14 -1.65 -9.03
CA LYS A 64 35.63 -0.33 -9.50
C LYS A 64 34.51 0.68 -9.78
N LEU A 65 33.24 0.23 -9.84
CA LEU A 65 32.08 1.10 -10.11
C LEU A 65 31.73 1.94 -8.87
N GLN A 66 32.57 2.93 -8.56
CA GLN A 66 32.44 3.80 -7.39
C GLN A 66 31.23 4.73 -7.45
N ASN A 67 30.64 4.96 -8.63
CA ASN A 67 29.44 5.79 -8.74
C ASN A 67 28.13 4.97 -8.80
N LEU A 68 28.23 3.62 -8.84
CA LEU A 68 27.07 2.73 -8.91
C LEU A 68 26.16 2.85 -7.69
N GLN A 69 24.86 3.19 -7.92
CA GLN A 69 23.83 3.37 -6.89
C GLN A 69 22.87 2.20 -6.85
N GLN A 70 22.67 1.52 -8.01
CA GLN A 70 21.76 0.39 -8.12
C GLN A 70 22.34 -0.74 -8.94
N LEU A 71 22.33 -1.95 -8.35
CA LEU A 71 22.80 -3.14 -9.01
C LEU A 71 21.68 -4.17 -9.03
N HIS A 72 21.11 -4.41 -10.22
CA HIS A 72 20.01 -5.35 -10.44
C HIS A 72 20.60 -6.64 -11.00
N LEU A 73 20.58 -7.71 -10.20
CA LEU A 73 21.17 -8.99 -10.58
C LEU A 73 20.19 -10.14 -10.36
N SER A 74 18.91 -9.84 -10.40
CA SER A 74 17.87 -10.81 -10.16
C SER A 74 17.73 -11.79 -11.30
N LYS A 75 17.22 -12.99 -11.01
CA LYS A 75 16.93 -14.04 -11.97
C LYS A 75 18.16 -14.41 -12.84
N ASN A 76 19.23 -14.79 -12.17
CA ASN A 76 20.45 -15.30 -12.79
C ASN A 76 20.71 -16.64 -12.10
N GLN A 77 21.95 -17.15 -12.17
CA GLN A 77 22.31 -18.41 -11.53
C GLN A 77 23.55 -18.18 -10.66
N LEU A 78 23.65 -16.96 -10.02
CA LEU A 78 24.82 -16.57 -9.23
C LEU A 78 25.08 -17.52 -8.08
N MSE A 79 26.29 -18.10 -8.06
CA MSE A 79 26.71 -19.09 -7.06
C MSE A 79 27.43 -18.43 -5.89
O MSE A 79 27.44 -18.98 -4.80
CB MSE A 79 27.58 -20.18 -7.70
CG MSE A 79 26.94 -20.83 -8.91
SE MSE A 79 27.25 -22.61 -8.99
CE MSE A 79 26.45 -23.14 -7.49
N ALA A 80 28.03 -17.25 -6.13
CA ALA A 80 28.79 -16.49 -5.13
C ALA A 80 28.94 -15.04 -5.54
N LEU A 81 29.19 -14.15 -4.57
CA LEU A 81 29.45 -12.73 -4.79
C LEU A 81 30.94 -12.50 -4.52
N PRO A 82 31.68 -11.73 -5.35
CA PRO A 82 33.10 -11.51 -5.03
C PRO A 82 33.27 -10.62 -3.79
N GLU A 83 34.42 -10.74 -3.08
CA GLU A 83 34.70 -9.93 -1.89
C GLU A 83 34.65 -8.42 -2.25
N GLU A 84 35.01 -8.09 -3.52
CA GLU A 84 35.07 -6.75 -4.11
C GLU A 84 33.71 -6.04 -4.17
N ILE A 85 32.60 -6.78 -3.92
CA ILE A 85 31.25 -6.20 -3.88
C ILE A 85 31.17 -5.12 -2.79
N GLY A 86 31.96 -5.28 -1.72
CA GLY A 86 32.04 -4.34 -0.61
C GLY A 86 32.65 -2.99 -0.96
N GLN A 87 33.31 -2.89 -2.14
CA GLN A 87 33.96 -1.67 -2.63
C GLN A 87 32.96 -0.64 -3.20
N LEU A 88 31.71 -1.08 -3.50
CA LEU A 88 30.64 -0.24 -4.05
C LEU A 88 30.09 0.72 -2.98
N GLN A 89 30.89 1.72 -2.63
CA GLN A 89 30.57 2.67 -1.56
C GLN A 89 29.36 3.60 -1.83
N ASN A 90 28.88 3.72 -3.08
CA ASN A 90 27.67 4.51 -3.34
C ASN A 90 26.41 3.65 -3.55
N LEU A 91 26.56 2.32 -3.53
CA LEU A 91 25.46 1.39 -3.71
C LEU A 91 24.36 1.58 -2.64
N GLN A 92 23.13 1.85 -3.11
CA GLN A 92 21.96 2.04 -2.26
C GLN A 92 20.98 0.89 -2.40
N LYS A 93 20.99 0.22 -3.54
CA LYS A 93 20.07 -0.88 -3.80
C LYS A 93 20.82 -2.06 -4.38
N LEU A 94 20.66 -3.24 -3.77
CA LEU A 94 21.29 -4.45 -4.26
C LEU A 94 20.20 -5.51 -4.40
N LYS A 95 19.87 -5.86 -5.64
CA LYS A 95 18.81 -6.83 -5.95
C LYS A 95 19.36 -8.16 -6.46
N LEU A 96 19.24 -9.20 -5.64
CA LEU A 96 19.78 -10.53 -5.95
C LEU A 96 18.75 -11.61 -5.86
N TYR A 97 17.45 -11.26 -5.95
CA TYR A 97 16.43 -12.28 -5.85
C TYR A 97 16.51 -13.28 -7.01
N GLU A 98 16.22 -14.54 -6.73
CA GLU A 98 16.26 -15.67 -7.66
C GLU A 98 17.67 -15.89 -8.22
N ASN A 99 18.54 -16.42 -7.35
CA ASN A 99 19.90 -16.83 -7.66
C ASN A 99 20.18 -18.09 -6.84
N GLN A 100 21.43 -18.54 -6.81
CA GLN A 100 21.77 -19.73 -6.03
C GLN A 100 22.84 -19.44 -4.98
N LEU A 101 22.73 -18.28 -4.30
CA LEU A 101 23.70 -17.90 -3.27
C LEU A 101 23.53 -18.74 -2.03
N THR A 102 24.64 -19.31 -1.54
CA THR A 102 24.69 -20.13 -0.33
C THR A 102 25.35 -19.35 0.80
N ALA A 103 26.00 -18.23 0.47
CA ALA A 103 26.68 -17.34 1.41
C ALA A 103 26.77 -15.95 0.84
N ILE A 104 26.94 -14.98 1.74
CA ILE A 104 27.09 -13.55 1.50
C ILE A 104 28.45 -13.17 2.14
N PRO A 105 29.38 -12.57 1.38
CA PRO A 105 30.70 -12.21 1.98
C PRO A 105 30.58 -11.24 3.12
N LYS A 106 31.50 -11.33 4.10
CA LYS A 106 31.53 -10.42 5.25
C LYS A 106 31.66 -8.95 4.82
N GLU A 107 32.27 -8.71 3.62
CA GLU A 107 32.50 -7.37 3.02
C GLU A 107 31.19 -6.64 2.69
N ILE A 108 30.04 -7.32 2.83
CA ILE A 108 28.72 -6.72 2.64
C ILE A 108 28.53 -5.62 3.67
N GLY A 109 29.13 -5.80 4.86
CA GLY A 109 29.10 -4.84 5.96
C GLY A 109 29.75 -3.50 5.63
N GLN A 110 30.57 -3.48 4.55
CA GLN A 110 31.24 -2.26 4.08
C GLN A 110 30.28 -1.35 3.28
N LEU A 111 29.17 -1.93 2.75
CA LEU A 111 28.17 -1.21 1.94
C LEU A 111 27.31 -0.32 2.83
N GLN A 112 27.97 0.69 3.44
CA GLN A 112 27.45 1.69 4.39
C GLN A 112 26.32 2.58 3.84
N ASN A 113 26.15 2.62 2.51
CA ASN A 113 25.09 3.41 1.88
C ASN A 113 23.88 2.57 1.47
N LEU A 114 23.97 1.23 1.62
CA LEU A 114 22.91 0.30 1.24
C LEU A 114 21.61 0.58 2.03
N GLN A 115 20.53 0.80 1.27
CA GLN A 115 19.21 1.07 1.84
C GLN A 115 18.30 -0.12 1.62
N GLU A 116 18.51 -0.85 0.55
CA GLU A 116 17.69 -1.99 0.17
C GLU A 116 18.56 -3.16 -0.27
N LEU A 117 18.32 -4.32 0.35
CA LEU A 117 19.03 -5.55 0.02
C LEU A 117 18.00 -6.64 -0.20
N ASN A 118 17.91 -7.13 -1.43
CA ASN A 118 16.95 -8.18 -1.76
C ASN A 118 17.71 -9.48 -1.99
N LEU A 119 17.61 -10.40 -1.03
CA LEU A 119 18.27 -11.73 -1.14
C LEU A 119 17.23 -12.83 -1.20
N ALA A 120 15.97 -12.49 -1.56
CA ALA A 120 14.91 -13.49 -1.63
C ALA A 120 15.18 -14.53 -2.74
N HIS A 121 14.66 -15.75 -2.60
CA HIS A 121 14.80 -16.85 -3.57
C HIS A 121 16.27 -17.21 -3.85
N ASN A 122 17.01 -17.51 -2.77
CA ASN A 122 18.39 -17.99 -2.86
C ASN A 122 18.49 -19.25 -2.03
N GLN A 123 19.70 -19.67 -1.66
CA GLN A 123 19.86 -20.88 -0.84
C GLN A 123 20.71 -20.56 0.41
N LEU A 124 20.41 -19.39 1.03
CA LEU A 124 21.09 -18.89 2.24
C LEU A 124 20.57 -19.54 3.50
N ALA A 125 21.49 -19.95 4.38
CA ALA A 125 21.14 -20.54 5.68
C ALA A 125 21.68 -19.65 6.82
N THR A 126 22.59 -18.74 6.48
CA THR A 126 23.25 -17.85 7.42
C THR A 126 23.57 -16.52 6.78
N LEU A 127 23.84 -15.52 7.63
CA LEU A 127 24.34 -14.23 7.20
C LEU A 127 25.59 -13.93 8.01
N PRO A 128 26.58 -13.17 7.48
CA PRO A 128 27.72 -12.81 8.34
C PRO A 128 27.23 -11.84 9.42
N GLU A 129 27.89 -11.84 10.58
CA GLU A 129 27.53 -10.96 11.70
C GLU A 129 27.72 -9.49 11.27
N ASP A 130 28.61 -9.23 10.29
CA ASP A 130 28.95 -7.92 9.69
C ASP A 130 27.73 -7.17 9.11
N ILE A 131 26.59 -7.88 9.00
CA ILE A 131 25.30 -7.33 8.55
C ILE A 131 24.84 -6.24 9.51
N GLU A 132 25.27 -6.31 10.79
CA GLU A 132 24.96 -5.33 11.84
C GLU A 132 25.51 -3.93 11.55
N GLN A 133 26.47 -3.81 10.64
CA GLN A 133 27.06 -2.52 10.27
C GLN A 133 26.20 -1.76 9.25
N LEU A 134 25.17 -2.40 8.67
CA LEU A 134 24.29 -1.78 7.65
C LEU A 134 23.27 -0.86 8.35
N GLN A 135 23.76 0.25 8.90
CA GLN A 135 22.94 1.15 9.69
C GLN A 135 22.06 2.10 8.87
N ARG A 136 22.20 2.08 7.55
CA ARG A 136 21.33 2.83 6.65
C ARG A 136 20.28 1.91 6.01
N LEU A 137 20.38 0.57 6.23
CA LEU A 137 19.46 -0.41 5.64
C LEU A 137 18.04 -0.19 6.13
N GLN A 138 17.12 -0.01 5.16
CA GLN A 138 15.71 0.23 5.43
C GLN A 138 14.87 -0.99 5.06
N THR A 139 15.29 -1.73 4.05
CA THR A 139 14.55 -2.88 3.54
C THR A 139 15.47 -4.08 3.35
N LEU A 140 15.05 -5.21 3.91
CA LEU A 140 15.81 -6.47 3.84
C LEU A 140 14.88 -7.63 3.53
N TYR A 141 15.03 -8.23 2.36
CA TYR A 141 14.22 -9.37 1.94
C TYR A 141 15.03 -10.64 1.95
N LEU A 142 14.63 -11.59 2.78
CA LEU A 142 15.32 -12.90 2.94
C LEU A 142 14.37 -14.07 2.74
N GLY A 143 13.19 -13.77 2.19
CA GLY A 143 12.18 -14.80 1.94
C GLY A 143 12.66 -15.89 0.99
N HIS A 144 12.08 -17.09 1.09
CA HIS A 144 12.40 -18.21 0.18
C HIS A 144 13.89 -18.57 0.19
N ASN A 145 14.44 -18.80 1.38
CA ASN A 145 15.81 -19.22 1.57
C ASN A 145 15.79 -20.48 2.42
N GLN A 146 16.88 -20.77 3.15
CA GLN A 146 16.97 -21.97 3.98
C GLN A 146 17.35 -21.64 5.43
N PHE A 147 16.82 -20.53 5.96
CA PHE A 147 17.06 -20.16 7.35
C PHE A 147 16.21 -20.99 8.32
N ASN A 148 16.90 -21.76 9.20
CA ASN A 148 16.27 -22.57 10.25
C ASN A 148 16.15 -21.69 11.46
N SER A 149 17.02 -20.67 11.50
CA SER A 149 17.06 -19.66 12.55
C SER A 149 17.65 -18.40 11.93
N ILE A 150 17.37 -17.26 12.52
CA ILE A 150 17.89 -15.99 12.01
C ILE A 150 18.76 -15.38 13.11
N LEU A 151 20.01 -15.00 12.75
CA LEU A 151 21.02 -14.45 13.66
C LEU A 151 20.48 -13.27 14.45
N LYS A 152 20.85 -13.15 15.74
CA LYS A 152 20.33 -12.08 16.60
C LYS A 152 20.80 -10.70 16.16
N GLU A 153 21.88 -10.61 15.36
CA GLU A 153 22.49 -9.38 14.82
C GLU A 153 21.50 -8.60 13.95
N ILE A 154 20.44 -9.29 13.48
CA ILE A 154 19.37 -8.70 12.69
C ILE A 154 18.68 -7.57 13.50
N GLY A 155 18.52 -7.80 14.80
CA GLY A 155 17.91 -6.85 15.72
C GLY A 155 18.69 -5.56 15.88
N GLN A 156 19.95 -5.53 15.39
CA GLN A 156 20.83 -4.35 15.49
C GLN A 156 20.56 -3.30 14.39
N LEU A 157 19.81 -3.67 13.34
CA LEU A 157 19.50 -2.80 12.20
C LEU A 157 18.49 -1.73 12.61
N GLN A 158 19.01 -0.66 13.28
CA GLN A 158 18.24 0.43 13.88
C GLN A 158 17.30 1.18 12.90
N ASN A 159 17.67 1.28 11.62
CA ASN A 159 16.91 1.97 10.59
C ASN A 159 15.97 1.07 9.78
N LEU A 160 15.95 -0.25 10.04
CA LEU A 160 15.14 -1.20 9.28
C LEU A 160 13.66 -0.94 9.43
N GLU A 161 12.99 -0.86 8.29
CA GLU A 161 11.55 -0.59 8.19
C GLU A 161 10.77 -1.79 7.68
N SER A 162 11.36 -2.60 6.77
CA SER A 162 10.70 -3.79 6.25
C SER A 162 11.67 -4.95 6.30
N LEU A 163 11.20 -6.06 6.87
CA LEU A 163 11.98 -7.30 7.00
C LEU A 163 11.13 -8.45 6.48
N GLY A 164 11.60 -9.09 5.41
CA GLY A 164 10.92 -10.23 4.82
C GLY A 164 11.65 -11.52 5.15
N LEU A 165 10.99 -12.40 5.88
CA LEU A 165 11.56 -13.70 6.29
C LEU A 165 10.61 -14.84 5.97
N ASP A 166 9.66 -14.60 5.05
CA ASP A 166 8.65 -15.58 4.67
C ASP A 166 9.28 -16.79 3.96
N HIS A 167 8.61 -17.95 4.05
CA HIS A 167 9.02 -19.19 3.36
C HIS A 167 10.45 -19.61 3.69
N ASN A 168 10.76 -19.65 4.97
CA ASN A 168 12.03 -20.15 5.46
C ASN A 168 11.65 -21.32 6.34
N GLN A 169 12.52 -21.75 7.25
CA GLN A 169 12.16 -22.86 8.10
C GLN A 169 12.27 -22.49 9.58
N LEU A 170 11.91 -21.22 9.91
CA LEU A 170 11.96 -20.70 11.28
C LEU A 170 10.99 -21.36 12.24
N ASN A 171 11.48 -21.84 13.39
CA ASN A 171 10.61 -22.40 14.42
C ASN A 171 10.39 -21.33 15.47
N VAL A 172 11.40 -20.48 15.66
CA VAL A 172 11.42 -19.45 16.70
C VAL A 172 12.07 -18.17 16.15
N LEU A 173 11.80 -17.02 16.79
CA LEU A 173 12.42 -15.75 16.48
C LEU A 173 13.39 -15.40 17.61
N PRO A 174 14.57 -14.78 17.34
CA PRO A 174 15.46 -14.38 18.45
C PRO A 174 14.79 -13.27 19.27
N LYS A 175 15.02 -13.23 20.58
CA LYS A 175 14.44 -12.21 21.45
C LYS A 175 14.87 -10.78 21.05
N GLU A 176 16.03 -10.65 20.38
CA GLU A 176 16.62 -9.39 19.92
C GLU A 176 15.85 -8.71 18.79
N ILE A 177 14.90 -9.45 18.16
CA ILE A 177 14.05 -8.93 17.08
C ILE A 177 13.29 -7.68 17.58
N GLY A 178 12.95 -7.67 18.88
CA GLY A 178 12.26 -6.58 19.58
C GLY A 178 13.02 -5.28 19.61
N GLN A 179 14.30 -5.25 19.21
CA GLN A 179 15.07 -4.01 19.18
C GLN A 179 14.90 -3.22 17.86
N LEU A 180 14.13 -3.74 16.90
CA LEU A 180 13.88 -3.09 15.61
C LEU A 180 12.78 -2.02 15.79
N ARG A 181 13.15 -0.93 16.46
CA ARG A 181 12.22 0.14 16.86
C ARG A 181 11.61 0.93 15.69
N ASN A 182 12.24 0.89 14.51
CA ASN A 182 11.70 1.54 13.33
C ASN A 182 10.96 0.58 12.41
N LEU A 183 10.87 -0.72 12.76
CA LEU A 183 10.23 -1.70 11.88
C LEU A 183 8.75 -1.40 11.67
N GLU A 184 8.32 -1.36 10.43
CA GLU A 184 6.92 -1.09 10.07
C GLU A 184 6.25 -2.31 9.49
N SER A 185 7.02 -3.16 8.79
CA SER A 185 6.48 -4.37 8.17
C SER A 185 7.34 -5.59 8.49
N LEU A 186 6.72 -6.64 8.99
CA LEU A 186 7.41 -7.89 9.34
C LEU A 186 6.73 -9.06 8.63
N GLY A 187 7.41 -9.66 7.66
CA GLY A 187 6.87 -10.77 6.88
C GLY A 187 7.40 -12.11 7.35
N LEU A 188 6.55 -12.91 8.00
CA LEU A 188 6.92 -14.23 8.51
C LEU A 188 6.02 -15.36 7.99
N ASP A 189 5.25 -15.14 6.91
CA ASP A 189 4.37 -16.17 6.35
C ASP A 189 5.09 -17.47 6.01
N HIS A 190 4.42 -18.57 6.26
CA HIS A 190 4.85 -19.91 5.84
C HIS A 190 6.24 -20.33 6.38
N ASN A 191 6.47 -20.12 7.66
CA ASN A 191 7.65 -20.64 8.34
C ASN A 191 7.04 -21.78 9.19
N GLN A 192 7.60 -22.11 10.35
CA GLN A 192 6.99 -23.13 11.19
C GLN A 192 7.00 -22.64 12.62
N LEU A 193 6.74 -21.33 12.77
CA LEU A 193 6.76 -20.68 14.08
C LEU A 193 5.73 -21.29 14.99
N ASN A 194 6.18 -21.78 16.16
CA ASN A 194 5.28 -22.40 17.14
C ASN A 194 5.00 -21.46 18.29
N VAL A 195 5.79 -20.38 18.38
CA VAL A 195 5.64 -19.38 19.44
C VAL A 195 6.24 -18.05 18.96
N LEU A 196 5.75 -16.92 19.47
CA LEU A 196 6.29 -15.60 19.21
C LEU A 196 6.99 -15.15 20.48
N PRO A 197 8.15 -14.45 20.39
CA PRO A 197 8.80 -13.98 21.63
C PRO A 197 8.00 -12.88 22.32
N LYS A 198 8.09 -12.77 23.64
CA LYS A 198 7.40 -11.69 24.37
C LYS A 198 7.86 -10.31 23.90
N GLU A 199 9.11 -10.23 23.39
CA GLU A 199 9.76 -9.03 22.89
C GLU A 199 9.12 -8.49 21.60
N ILE A 200 8.23 -9.27 20.94
CA ILE A 200 7.48 -8.84 19.75
C ILE A 200 6.74 -7.52 20.04
N GLY A 201 6.29 -7.35 21.29
CA GLY A 201 5.58 -6.17 21.78
C GLY A 201 6.41 -4.90 21.80
N GLN A 202 7.72 -5.02 21.69
CA GLN A 202 8.61 -3.84 21.68
C GLN A 202 8.66 -3.15 20.28
N LEU A 203 8.02 -3.74 19.26
CA LEU A 203 8.02 -3.20 17.91
C LEU A 203 6.96 -2.09 17.79
N GLN A 204 7.25 -0.94 18.45
CA GLN A 204 6.34 0.20 18.56
C GLN A 204 5.94 0.82 17.24
N ASN A 205 6.73 0.69 16.17
CA ASN A 205 6.38 1.27 14.88
C ASN A 205 5.71 0.28 13.93
N LEU A 206 5.57 -1.00 14.33
CA LEU A 206 5.02 -2.05 13.47
C LEU A 206 3.59 -1.76 13.06
N GLN A 207 3.36 -1.76 11.75
CA GLN A 207 2.05 -1.51 11.17
C GLN A 207 1.46 -2.76 10.56
N ILE A 208 2.30 -3.62 9.98
CA ILE A 208 1.86 -4.84 9.29
C ILE A 208 2.66 -6.05 9.80
N LEU A 209 1.94 -7.08 10.23
CA LEU A 209 2.54 -8.31 10.72
C LEU A 209 1.90 -9.50 9.99
N HIS A 210 2.67 -10.16 9.10
CA HIS A 210 2.24 -11.30 8.30
C HIS A 210 2.74 -12.58 8.97
N LEU A 211 1.81 -13.36 9.53
CA LEU A 211 2.13 -14.60 10.23
C LEU A 211 1.33 -15.78 9.71
N ARG A 212 0.86 -15.69 8.46
CA ARG A 212 0.02 -16.71 7.86
C ARG A 212 0.76 -18.01 7.69
N ASN A 213 0.06 -19.12 7.85
CA ASN A 213 0.61 -20.45 7.60
C ASN A 213 1.82 -20.78 8.49
N ASN A 214 1.67 -20.60 9.78
CA ASN A 214 2.70 -20.99 10.75
C ASN A 214 2.06 -22.04 11.67
N GLN A 215 2.62 -22.29 12.85
CA GLN A 215 2.10 -23.29 13.78
C GLN A 215 1.82 -22.71 15.15
N LEU A 216 1.37 -21.42 15.20
CA LEU A 216 1.09 -20.75 16.47
C LEU A 216 -0.14 -21.30 17.17
N THR A 217 -0.04 -21.52 18.48
CA THR A 217 -1.16 -22.04 19.28
C THR A 217 -1.74 -20.94 20.13
N THR A 218 -0.90 -19.99 20.58
CA THR A 218 -1.30 -18.81 21.37
C THR A 218 -0.51 -17.60 20.87
N LEU A 219 -0.94 -16.41 21.26
CA LEU A 219 -0.25 -15.16 20.99
C LEU A 219 0.22 -14.66 22.37
N PRO A 220 1.43 -14.05 22.48
CA PRO A 220 1.84 -13.54 23.79
C PRO A 220 0.97 -12.36 24.20
N LYS A 221 0.81 -12.14 25.52
CA LYS A 221 0.04 -11.03 26.06
C LYS A 221 0.59 -9.69 25.56
N GLU A 222 1.91 -9.62 25.32
CA GLU A 222 2.66 -8.46 24.83
C GLU A 222 2.25 -8.03 23.42
N ILE A 223 1.54 -8.89 22.66
CA ILE A 223 1.04 -8.53 21.32
C ILE A 223 0.20 -7.21 21.37
N GLY A 224 -0.46 -6.96 22.51
CA GLY A 224 -1.26 -5.76 22.75
C GLY A 224 -0.47 -4.47 22.83
N GLN A 225 0.85 -4.56 23.00
CA GLN A 225 1.71 -3.38 23.09
C GLN A 225 1.98 -2.78 21.69
N LEU A 226 1.54 -3.46 20.60
CA LEU A 226 1.77 -3.00 19.23
C LEU A 226 0.83 -1.85 18.89
N GLN A 227 1.13 -0.66 19.46
CA GLN A 227 0.27 0.52 19.36
C GLN A 227 0.06 1.05 17.95
N ASN A 228 0.96 0.78 16.99
CA ASN A 228 0.81 1.25 15.63
C ASN A 228 0.30 0.20 14.64
N LEU A 229 0.06 -1.03 15.13
CA LEU A 229 -0.39 -2.14 14.28
C LEU A 229 -1.73 -1.86 13.60
N GLN A 230 -1.77 -2.03 12.27
CA GLN A 230 -2.95 -1.81 11.42
C GLN A 230 -3.47 -3.10 10.85
N LYS A 231 -2.56 -4.03 10.49
CA LYS A 231 -2.95 -5.28 9.88
C LYS A 231 -2.26 -6.45 10.58
N LEU A 232 -3.06 -7.42 11.05
CA LEU A 232 -2.56 -8.60 11.72
C LEU A 232 -3.10 -9.82 10.96
N LEU A 233 -2.22 -10.52 10.22
CA LEU A 233 -2.65 -11.66 9.41
C LEU A 233 -2.19 -12.95 10.06
N LEU A 234 -3.14 -13.68 10.65
CA LEU A 234 -2.90 -14.93 11.38
C LEU A 234 -3.56 -16.16 10.76
N ASN A 235 -3.92 -16.07 9.46
CA ASN A 235 -4.55 -17.18 8.74
C ASN A 235 -3.76 -18.45 8.85
N LYS A 236 -4.46 -19.59 8.94
CA LYS A 236 -3.83 -20.92 8.91
C LYS A 236 -2.74 -21.11 9.98
N ASN A 237 -3.11 -20.91 11.23
CA ASN A 237 -2.29 -21.22 12.40
C ASN A 237 -3.11 -22.22 13.22
N LYS A 238 -2.80 -22.40 14.51
CA LYS A 238 -3.49 -23.36 15.39
C LYS A 238 -4.00 -22.67 16.64
N LEU A 239 -4.36 -21.36 16.54
CA LEU A 239 -4.83 -20.59 17.68
C LEU A 239 -6.11 -21.13 18.23
N THR A 240 -6.11 -21.32 19.55
CA THR A 240 -7.26 -21.85 20.26
C THR A 240 -7.91 -20.76 21.06
N THR A 241 -7.16 -19.70 21.34
CA THR A 241 -7.63 -18.54 22.10
C THR A 241 -6.86 -17.26 21.68
N LEU A 242 -7.43 -16.09 21.93
CA LEU A 242 -6.75 -14.79 21.73
C LEU A 242 -6.55 -14.18 23.12
N PRO A 243 -5.38 -13.55 23.41
CA PRO A 243 -5.20 -12.90 24.73
C PRO A 243 -6.18 -11.75 24.87
N LYS A 244 -6.61 -11.44 26.09
CA LYS A 244 -7.47 -10.30 26.32
C LYS A 244 -6.78 -8.98 25.92
N GLU A 245 -5.43 -8.96 25.93
CA GLU A 245 -4.59 -7.80 25.56
C GLU A 245 -4.70 -7.40 24.08
N ILE A 246 -5.28 -8.27 23.24
CA ILE A 246 -5.56 -7.99 21.82
C ILE A 246 -6.42 -6.69 21.67
N GLY A 247 -7.23 -6.38 22.68
CA GLY A 247 -8.09 -5.21 22.71
C GLY A 247 -7.36 -3.87 22.81
N GLN A 248 -6.08 -3.90 23.16
CA GLN A 248 -5.25 -2.68 23.27
C GLN A 248 -4.81 -2.15 21.90
N LEU A 249 -5.04 -2.92 20.82
CA LEU A 249 -4.61 -2.56 19.46
C LEU A 249 -5.59 -1.55 18.85
N GLN A 250 -5.49 -0.28 19.33
CA GLN A 250 -6.41 0.79 18.93
C GLN A 250 -6.34 1.19 17.47
N ASN A 251 -5.22 0.92 16.77
CA ASN A 251 -5.07 1.27 15.36
C ASN A 251 -5.37 0.13 14.40
N LEU A 252 -5.68 -1.05 14.95
CA LEU A 252 -5.91 -2.24 14.14
C LEU A 252 -7.11 -2.10 13.25
N GLN A 253 -6.90 -2.31 11.95
CA GLN A 253 -7.94 -2.16 10.91
C GLN A 253 -8.35 -3.49 10.38
N LYS A 254 -7.40 -4.43 10.28
CA LYS A 254 -7.69 -5.76 9.73
C LYS A 254 -7.14 -6.85 10.62
N LEU A 255 -8.03 -7.77 11.02
CA LEU A 255 -7.68 -8.93 11.82
C LEU A 255 -8.15 -10.16 11.04
N LYS A 256 -7.19 -10.92 10.50
CA LYS A 256 -7.50 -12.11 9.68
C LYS A 256 -7.09 -13.35 10.44
N LEU A 257 -8.10 -14.15 10.86
CA LEU A 257 -7.93 -15.35 11.67
C LEU A 257 -8.52 -16.60 11.00
N TYR A 258 -8.64 -16.56 9.66
CA TYR A 258 -9.14 -17.63 8.81
C TYR A 258 -8.40 -18.95 9.09
N GLU A 259 -9.15 -20.04 9.28
CA GLU A 259 -8.63 -21.38 9.50
C GLU A 259 -7.73 -21.48 10.75
N ASN A 260 -8.27 -21.09 11.89
CA ASN A 260 -7.63 -21.30 13.18
C ASN A 260 -8.55 -22.28 13.93
N GLN A 261 -8.41 -22.40 15.23
CA GLN A 261 -9.24 -23.35 15.97
C GLN A 261 -9.88 -22.63 17.13
N LEU A 262 -10.25 -21.34 16.92
CA LEU A 262 -10.85 -20.50 17.96
C LEU A 262 -12.23 -20.98 18.35
N THR A 263 -12.52 -21.03 19.63
CA THR A 263 -13.85 -21.48 20.11
C THR A 263 -14.61 -20.29 20.66
N THR A 264 -13.87 -19.31 21.21
CA THR A 264 -14.49 -18.09 21.76
C THR A 264 -13.59 -16.88 21.48
N LEU A 265 -14.16 -15.67 21.65
CA LEU A 265 -13.41 -14.43 21.48
C LEU A 265 -13.39 -13.72 22.83
N PRO A 266 -12.25 -13.06 23.22
CA PRO A 266 -12.26 -12.33 24.51
C PRO A 266 -13.27 -11.18 24.45
N LYS A 267 -13.88 -10.79 25.59
CA LYS A 267 -14.81 -9.64 25.61
C LYS A 267 -14.10 -8.35 25.17
N GLU A 268 -12.77 -8.27 25.40
CA GLU A 268 -11.92 -7.11 25.06
C GLU A 268 -11.84 -6.84 23.56
N ILE A 269 -12.30 -7.78 22.71
CA ILE A 269 -12.39 -7.60 21.26
C ILE A 269 -13.17 -6.31 20.93
N GLY A 270 -14.15 -5.93 21.77
CA GLY A 270 -14.96 -4.72 21.61
C GLY A 270 -14.16 -3.42 21.67
N GLN A 271 -12.94 -3.49 22.18
CA GLN A 271 -12.07 -2.31 22.33
C GLN A 271 -11.35 -1.92 21.02
N LEU A 272 -11.51 -2.74 19.96
CA LEU A 272 -10.82 -2.51 18.67
C LEU A 272 -11.51 -1.42 17.88
N GLN A 273 -11.36 -0.17 18.36
CA GLN A 273 -11.93 1.07 17.85
C GLN A 273 -11.92 1.22 16.30
N ASN A 274 -10.78 0.91 15.67
CA ASN A 274 -10.59 1.10 14.24
C ASN A 274 -10.76 -0.11 13.37
N LEU A 275 -11.16 -1.26 13.95
CA LEU A 275 -11.31 -2.47 13.19
C LEU A 275 -12.39 -2.37 12.11
N GLN A 276 -12.00 -2.64 10.84
CA GLN A 276 -12.89 -2.58 9.68
C GLN A 276 -13.17 -3.96 9.12
N GLU A 277 -12.20 -4.87 9.26
CA GLU A 277 -12.36 -6.23 8.77
C GLU A 277 -11.97 -7.25 9.84
N LEU A 278 -12.88 -8.21 10.09
CA LEU A 278 -12.69 -9.30 11.03
C LEU A 278 -13.07 -10.60 10.32
N ASP A 279 -12.04 -11.42 10.02
CA ASP A 279 -12.22 -12.65 9.30
C ASP A 279 -12.00 -13.84 10.23
N LEU A 280 -13.10 -14.48 10.61
CA LEU A 280 -13.05 -15.63 11.51
C LEU A 280 -13.52 -16.88 10.82
N ASP A 281 -13.47 -16.91 9.49
CA ASP A 281 -13.91 -18.06 8.68
C ASP A 281 -13.10 -19.31 9.08
N GLY A 282 -13.75 -20.47 9.08
CA GLY A 282 -13.09 -21.74 9.39
C GLY A 282 -12.65 -21.97 10.82
N ASN A 283 -13.26 -21.29 11.77
CA ASN A 283 -12.97 -21.51 13.18
C ASN A 283 -14.04 -22.42 13.77
N GLN A 284 -14.08 -22.54 15.08
CA GLN A 284 -14.99 -23.44 15.77
C GLN A 284 -15.75 -22.63 16.82
N LEU A 285 -16.16 -21.39 16.47
CA LEU A 285 -16.87 -20.54 17.42
C LEU A 285 -18.21 -21.11 17.76
N THR A 286 -18.55 -21.08 19.05
CA THR A 286 -19.85 -21.55 19.54
C THR A 286 -20.70 -20.34 19.93
N THR A 287 -20.06 -19.21 20.26
CA THR A 287 -20.77 -17.98 20.63
C THR A 287 -19.95 -16.71 20.26
N LEU A 288 -20.60 -15.52 20.16
CA LEU A 288 -19.88 -14.24 19.99
C LEU A 288 -20.13 -13.42 21.25
N PRO A 289 -19.12 -12.69 21.79
CA PRO A 289 -19.40 -11.85 22.98
C PRO A 289 -20.34 -10.70 22.65
N GLU A 290 -21.08 -10.18 23.65
CA GLU A 290 -21.98 -9.02 23.43
C GLU A 290 -21.17 -7.79 22.96
N ASN A 291 -19.89 -7.73 23.34
CA ASN A 291 -18.92 -6.68 23.04
C ASN A 291 -18.64 -6.49 21.56
N ILE A 292 -19.01 -7.48 20.72
CA ILE A 292 -18.87 -7.42 19.28
C ILE A 292 -19.55 -6.16 18.71
N GLY A 293 -20.65 -5.72 19.37
CA GLY A 293 -21.41 -4.53 19.00
C GLY A 293 -20.67 -3.21 19.14
N GLN A 294 -19.57 -3.20 19.89
CA GLN A 294 -18.77 -2.00 20.09
C GLN A 294 -17.81 -1.71 18.91
N LEU A 295 -17.79 -2.59 17.90
CA LEU A 295 -16.91 -2.45 16.73
C LEU A 295 -17.58 -1.51 15.71
N GLN A 296 -17.66 -0.22 16.07
CA GLN A 296 -18.37 0.81 15.30
C GLN A 296 -17.82 1.09 13.90
N ARG A 297 -16.56 0.70 13.61
CA ARG A 297 -15.99 0.91 12.27
C ARG A 297 -16.04 -0.36 11.44
N LEU A 298 -16.54 -1.45 12.03
CA LEU A 298 -16.54 -2.72 11.28
C LEU A 298 -17.36 -2.68 9.99
N GLN A 299 -16.75 -3.04 8.87
CA GLN A 299 -17.37 -3.08 7.55
C GLN A 299 -17.63 -4.50 7.09
N THR A 300 -16.70 -5.39 7.40
CA THR A 300 -16.75 -6.77 6.92
C THR A 300 -16.56 -7.76 8.07
N LEU A 301 -17.49 -8.71 8.20
CA LEU A 301 -17.45 -9.75 9.24
C LEU A 301 -17.68 -11.12 8.61
N TYR A 302 -16.65 -11.97 8.63
CA TYR A 302 -16.69 -13.30 8.03
C TYR A 302 -16.70 -14.33 9.13
N LEU A 303 -17.80 -15.09 9.22
CA LEU A 303 -17.98 -16.12 10.24
C LEU A 303 -18.35 -17.47 9.64
N GLY A 304 -18.01 -17.69 8.39
CA GLY A 304 -18.33 -18.94 7.72
C GLY A 304 -17.77 -20.17 8.40
N ASN A 305 -18.57 -21.25 8.44
CA ASN A 305 -18.12 -22.56 8.93
C ASN A 305 -17.69 -22.56 10.41
N ASN A 306 -18.22 -21.63 11.18
CA ASN A 306 -18.11 -21.72 12.61
C ASN A 306 -19.25 -22.68 13.06
N GLN A 307 -19.53 -22.69 14.35
CA GLN A 307 -20.55 -23.53 14.95
C GLN A 307 -21.52 -22.65 15.71
N LEU A 308 -21.72 -21.40 15.26
CA LEU A 308 -22.64 -20.49 15.95
C LEU A 308 -24.09 -20.97 15.92
N ASN A 309 -24.77 -20.95 17.07
CA ASN A 309 -26.19 -21.33 17.17
C ASN A 309 -27.00 -20.11 17.16
N PHE A 310 -26.45 -19.03 17.71
CA PHE A 310 -27.12 -17.75 17.81
C PHE A 310 -26.12 -16.61 17.70
N LEU A 311 -26.66 -15.42 17.45
CA LEU A 311 -25.93 -14.15 17.40
C LEU A 311 -26.41 -13.27 18.55
N PRO A 312 -25.51 -12.52 19.23
CA PRO A 312 -26.00 -11.61 20.29
C PRO A 312 -26.85 -10.51 19.68
N LYS A 313 -27.81 -9.94 20.43
CA LYS A 313 -28.66 -8.85 19.89
C LYS A 313 -27.78 -7.62 19.52
N GLU A 314 -26.63 -7.48 20.19
CA GLU A 314 -25.68 -6.40 19.98
C GLU A 314 -25.09 -6.35 18.55
N ILE A 315 -25.28 -7.42 17.74
CA ILE A 315 -24.84 -7.48 16.34
C ILE A 315 -25.46 -6.31 15.54
N GLY A 316 -26.65 -5.88 15.98
CA GLY A 316 -27.39 -4.77 15.37
C GLY A 316 -26.76 -3.40 15.58
N GLN A 317 -25.77 -3.30 16.48
CA GLN A 317 -25.06 -2.03 16.76
C GLN A 317 -23.95 -1.72 15.72
N LEU A 318 -23.65 -2.67 14.83
CA LEU A 318 -22.60 -2.55 13.80
C LEU A 318 -23.11 -1.69 12.64
N ARG A 319 -23.25 -0.40 12.90
CA ARG A 319 -23.82 0.59 11.96
C ARG A 319 -23.07 0.70 10.63
N ASN A 320 -21.75 0.38 10.60
CA ASN A 320 -20.98 0.49 9.36
C ASN A 320 -20.80 -0.83 8.62
N LEU A 321 -21.42 -1.91 9.12
CA LEU A 321 -21.28 -3.21 8.52
C LEU A 321 -21.93 -3.27 7.16
N GLU A 322 -21.15 -3.69 6.17
CA GLU A 322 -21.59 -3.83 4.79
C GLU A 322 -21.70 -5.26 4.36
N SER A 323 -20.86 -6.13 4.95
CA SER A 323 -20.86 -7.53 4.55
C SER A 323 -20.83 -8.46 5.75
N LEU A 324 -21.79 -9.41 5.80
CA LEU A 324 -21.87 -10.37 6.91
C LEU A 324 -21.99 -11.78 6.37
N ASP A 325 -20.98 -12.61 6.66
CA ASP A 325 -20.98 -13.97 6.14
C ASP A 325 -21.18 -14.98 7.26
N LEU A 326 -22.35 -15.66 7.26
CA LEU A 326 -22.70 -16.62 8.31
C LEU A 326 -22.94 -18.00 7.75
N GLU A 327 -22.34 -18.25 6.59
CA GLU A 327 -22.54 -19.52 5.89
C GLU A 327 -22.11 -20.72 6.70
N HIS A 328 -22.90 -21.80 6.66
CA HIS A 328 -22.57 -23.10 7.27
C HIS A 328 -22.28 -23.02 8.77
N ASN A 329 -23.08 -22.25 9.47
CA ASN A 329 -23.04 -22.26 10.94
C ASN A 329 -24.25 -23.15 11.29
N GLN A 330 -24.77 -23.03 12.49
CA GLN A 330 -25.98 -23.81 12.79
C GLN A 330 -27.03 -22.87 13.35
N LEU A 331 -27.19 -21.67 12.74
CA LEU A 331 -28.13 -20.68 13.26
C LEU A 331 -29.56 -21.15 13.18
N ASN A 332 -30.28 -21.03 14.30
CA ASN A 332 -31.68 -21.40 14.47
C ASN A 332 -32.56 -20.21 14.23
N ALA A 333 -32.05 -19.01 14.52
CA ALA A 333 -32.79 -17.75 14.35
C ALA A 333 -31.82 -16.58 14.21
N LEU A 334 -32.31 -15.46 13.70
CA LEU A 334 -31.57 -14.22 13.60
C LEU A 334 -32.19 -13.25 14.60
N PRO A 335 -31.39 -12.40 15.27
CA PRO A 335 -32.01 -11.41 16.18
C PRO A 335 -32.80 -10.37 15.37
N LYS A 336 -33.87 -9.80 15.97
CA LYS A 336 -34.68 -8.76 15.32
C LYS A 336 -33.86 -7.49 15.05
N GLU A 337 -32.80 -7.31 15.84
CA GLU A 337 -31.85 -6.18 15.76
C GLU A 337 -31.07 -6.16 14.44
N ILE A 338 -31.11 -7.26 13.66
CA ILE A 338 -30.48 -7.36 12.33
C ILE A 338 -30.96 -6.22 11.42
N GLY A 339 -32.20 -5.74 11.67
CA GLY A 339 -32.81 -4.65 10.91
C GLY A 339 -32.15 -3.30 11.09
N LYS A 340 -31.33 -3.14 12.13
CA LYS A 340 -30.61 -1.89 12.40
C LYS A 340 -29.34 -1.77 11.54
N LEU A 341 -28.96 -2.84 10.82
CA LEU A 341 -27.77 -2.83 9.95
C LEU A 341 -28.06 -2.10 8.63
N GLN A 342 -28.26 -0.77 8.70
CA GLN A 342 -28.68 0.05 7.54
C GLN A 342 -27.68 0.12 6.38
N LYS A 343 -26.40 -0.18 6.61
CA LYS A 343 -25.39 -0.16 5.57
C LYS A 343 -25.12 -1.54 4.97
N LEU A 344 -25.83 -2.60 5.46
CA LEU A 344 -25.59 -3.95 5.00
C LEU A 344 -25.96 -4.14 3.54
N GLN A 345 -25.02 -4.66 2.75
CA GLN A 345 -25.24 -4.91 1.31
C GLN A 345 -25.28 -6.38 0.94
N THR A 346 -24.54 -7.19 1.68
CA THR A 346 -24.46 -8.62 1.43
C THR A 346 -24.67 -9.38 2.75
N LEU A 347 -25.58 -10.37 2.73
CA LEU A 347 -25.85 -11.20 3.91
C LEU A 347 -25.93 -12.64 3.47
N ASN A 348 -24.98 -13.43 3.90
CA ASN A 348 -24.89 -14.83 3.49
C ASN A 348 -25.33 -15.72 4.66
N LEU A 349 -26.48 -16.37 4.49
CA LEU A 349 -27.05 -17.25 5.50
C LEU A 349 -27.17 -18.67 5.01
N LYS A 350 -26.43 -19.01 3.94
CA LYS A 350 -26.47 -20.36 3.40
C LYS A 350 -26.12 -21.43 4.44
N TYR A 351 -26.74 -22.61 4.31
CA TYR A 351 -26.41 -23.75 5.21
C TYR A 351 -26.61 -23.48 6.69
N ASN A 352 -27.75 -22.94 7.07
CA ASN A 352 -28.07 -22.75 8.48
C ASN A 352 -29.38 -23.50 8.78
N GLN A 353 -30.00 -23.27 9.93
CA GLN A 353 -31.25 -23.98 10.25
C GLN A 353 -32.36 -22.97 10.49
N LEU A 354 -32.37 -21.88 9.72
CA LEU A 354 -33.36 -20.82 9.87
C LEU A 354 -34.72 -21.30 9.37
N ALA A 355 -35.69 -21.40 10.27
CA ALA A 355 -37.05 -21.82 9.88
C ALA A 355 -37.90 -20.59 9.70
N THR A 356 -37.39 -19.42 10.13
CA THR A 356 -38.06 -18.12 10.01
C THR A 356 -37.02 -16.98 9.93
N LEU A 357 -37.46 -15.80 9.49
CA LEU A 357 -36.66 -14.56 9.46
C LEU A 357 -37.42 -13.47 10.18
N PRO A 358 -36.76 -12.59 10.97
CA PRO A 358 -37.52 -11.54 11.64
C PRO A 358 -38.14 -10.60 10.61
N GLU A 359 -39.33 -10.08 10.92
CA GLU A 359 -40.03 -9.13 10.03
C GLU A 359 -39.15 -7.89 9.76
N GLU A 360 -38.34 -7.49 10.78
CA GLU A 360 -37.39 -6.38 10.74
C GLU A 360 -36.37 -6.43 9.60
N ILE A 361 -36.26 -7.58 8.87
CA ILE A 361 -35.40 -7.74 7.69
C ILE A 361 -35.82 -6.76 6.57
N LYS A 362 -37.13 -6.41 6.52
CA LYS A 362 -37.69 -5.47 5.56
C LYS A 362 -37.07 -4.07 5.69
N GLN A 363 -36.45 -3.77 6.85
CA GLN A 363 -35.77 -2.50 7.12
C GLN A 363 -34.38 -2.41 6.45
N LEU A 364 -33.90 -3.53 5.85
CA LEU A 364 -32.58 -3.60 5.20
C LEU A 364 -32.67 -3.09 3.74
N LYS A 365 -33.00 -1.78 3.60
CA LYS A 365 -33.24 -1.09 2.32
C LYS A 365 -32.03 -1.09 1.37
N ASN A 366 -30.83 -1.16 1.93
CA ASN A 366 -29.60 -1.19 1.13
C ASN A 366 -29.11 -2.61 0.77
N LEU A 367 -29.79 -3.66 1.27
CA LEU A 367 -29.38 -5.04 0.97
C LEU A 367 -29.49 -5.34 -0.51
N LYS A 368 -28.41 -5.83 -1.10
CA LYS A 368 -28.31 -6.13 -2.53
C LYS A 368 -28.36 -7.61 -2.79
N LYS A 369 -27.73 -8.39 -1.90
CA LYS A 369 -27.66 -9.83 -2.05
C LYS A 369 -27.97 -10.54 -0.72
N LEU A 370 -28.89 -11.51 -0.79
CA LEU A 370 -29.29 -12.32 0.37
C LEU A 370 -29.25 -13.78 -0.05
N TYR A 371 -28.37 -14.56 0.59
CA TYR A 371 -28.18 -15.97 0.24
C TYR A 371 -28.86 -16.84 1.30
N LEU A 372 -29.88 -17.63 0.89
CA LEU A 372 -30.68 -18.41 1.84
C LEU A 372 -30.71 -19.90 1.58
N HIS A 373 -30.03 -20.38 0.50
CA HIS A 373 -30.03 -21.78 0.12
C HIS A 373 -29.67 -22.70 1.31
N ASN A 374 -30.35 -23.87 1.42
CA ASN A 374 -30.10 -24.86 2.48
C ASN A 374 -30.45 -24.34 3.88
N ASN A 375 -31.65 -23.82 4.00
CA ASN A 375 -32.33 -23.39 5.23
C ASN A 375 -33.75 -23.92 5.11
N PRO A 376 -34.36 -24.43 6.19
CA PRO A 376 -35.75 -24.93 6.11
C PRO A 376 -36.81 -23.80 6.14
N LEU A 377 -36.69 -22.85 5.22
CA LEU A 377 -37.56 -21.69 5.12
C LEU A 377 -38.74 -22.00 4.22
N PRO A 378 -39.99 -21.70 4.67
CA PRO A 378 -41.17 -21.94 3.80
C PRO A 378 -41.12 -21.02 2.58
N SER A 379 -41.45 -21.55 1.39
CA SER A 379 -41.44 -20.78 0.14
C SER A 379 -42.34 -19.55 0.16
N GLU A 380 -43.53 -19.59 0.83
CA GLU A 380 -44.45 -18.43 0.92
C GLU A 380 -43.80 -17.28 1.65
N LYS A 381 -43.01 -17.57 2.67
CA LYS A 381 -42.34 -16.54 3.48
C LYS A 381 -41.31 -15.80 2.65
N ILE A 382 -40.53 -16.53 1.87
CA ILE A 382 -39.51 -15.98 0.99
C ILE A 382 -40.15 -15.15 -0.14
N ALA A 383 -41.25 -15.67 -0.76
CA ALA A 383 -41.97 -14.91 -1.80
C ALA A 383 -42.38 -13.52 -1.27
N ARG A 384 -42.89 -13.46 -0.03
CA ARG A 384 -43.30 -12.24 0.65
C ARG A 384 -42.06 -11.36 0.91
N ILE A 385 -40.94 -11.94 1.36
CA ILE A 385 -39.73 -11.14 1.58
C ILE A 385 -39.22 -10.53 0.26
N ARG A 386 -39.31 -11.25 -0.85
CA ARG A 386 -38.91 -10.71 -2.15
C ARG A 386 -39.65 -9.37 -2.48
N LYS A 387 -40.96 -9.28 -2.15
CA LYS A 387 -41.77 -8.08 -2.36
C LYS A 387 -41.44 -6.97 -1.32
N LEU A 388 -40.96 -7.36 -0.13
CA LEU A 388 -40.57 -6.41 0.91
C LEU A 388 -39.19 -5.79 0.61
N LEU A 389 -38.31 -6.53 -0.10
CA LEU A 389 -36.98 -6.04 -0.46
C LEU A 389 -36.83 -6.08 -1.96
N PRO A 390 -37.55 -5.23 -2.74
CA PRO A 390 -37.52 -5.34 -4.21
C PRO A 390 -36.17 -5.05 -4.86
N GLN A 391 -35.28 -4.32 -4.17
CA GLN A 391 -33.96 -3.99 -4.70
C GLN A 391 -32.95 -5.10 -4.40
N CYS A 392 -33.34 -6.09 -3.58
CA CYS A 392 -32.46 -7.19 -3.19
C CYS A 392 -32.62 -8.39 -4.08
N ILE A 393 -31.50 -9.04 -4.43
CA ILE A 393 -31.52 -10.31 -5.15
C ILE A 393 -31.47 -11.38 -4.05
N ILE A 394 -32.51 -12.21 -3.98
CA ILE A 394 -32.61 -13.25 -2.95
C ILE A 394 -32.37 -14.61 -3.60
N TYR A 395 -31.27 -15.27 -3.22
CA TYR A 395 -30.89 -16.57 -3.78
C TYR A 395 -31.46 -17.65 -2.87
N PHE A 396 -32.56 -18.27 -3.32
CA PHE A 396 -33.29 -19.34 -2.63
C PHE A 396 -34.06 -20.17 -3.66
N GLN B 6 -8.32 -2.64 35.82
CA GLN B 6 -8.93 -1.91 34.69
C GLN B 6 -7.99 -0.80 34.20
N THR B 7 -7.58 -0.88 32.92
CA THR B 7 -6.69 0.10 32.26
C THR B 7 -7.38 0.83 31.10
N TYR B 8 -8.47 0.24 30.55
CA TYR B 8 -9.25 0.77 29.45
C TYR B 8 -10.51 1.40 30.00
N TYR B 9 -10.72 2.69 29.71
CA TYR B 9 -11.88 3.44 30.19
C TYR B 9 -12.60 4.11 29.03
N ARG B 10 -13.93 4.21 29.13
CA ARG B 10 -14.78 4.87 28.14
C ARG B 10 -15.59 5.97 28.84
N ASN B 11 -15.29 6.22 30.11
CA ASN B 11 -15.99 7.20 30.95
C ASN B 11 -14.99 7.93 31.84
N ILE B 12 -14.90 9.27 31.68
CA ILE B 12 -13.97 10.12 32.41
C ILE B 12 -14.26 10.12 33.94
N THR B 13 -15.55 10.04 34.36
CA THR B 13 -15.92 9.98 35.79
C THR B 13 -15.35 8.70 36.43
N GLU B 14 -15.49 7.56 35.75
CA GLU B 14 -14.97 6.26 36.18
C GLU B 14 -13.43 6.28 36.19
N ALA B 15 -12.83 6.90 35.15
CA ALA B 15 -11.37 7.03 35.00
C ALA B 15 -10.80 7.85 36.16
N LEU B 16 -11.53 8.89 36.59
CA LEU B 16 -11.09 9.77 37.68
C LEU B 16 -11.24 9.15 39.07
N LYS B 17 -12.05 8.08 39.23
CA LYS B 17 -12.21 7.36 40.49
C LYS B 17 -10.93 6.58 40.81
N ASN B 18 -10.15 6.20 39.78
CA ASN B 18 -8.84 5.55 39.92
C ASN B 18 -7.89 6.12 38.86
N PRO B 19 -7.41 7.37 39.03
CA PRO B 19 -6.62 8.03 37.96
C PRO B 19 -5.33 7.37 37.52
N GLN B 20 -4.58 6.75 38.45
CA GLN B 20 -3.30 6.12 38.17
C GLN B 20 -3.38 4.87 37.28
N ASN B 21 -4.51 4.17 37.25
CA ASN B 21 -4.64 2.93 36.47
C ASN B 21 -5.03 3.10 34.99
N VAL B 22 -5.44 4.29 34.58
CA VAL B 22 -5.92 4.61 33.23
C VAL B 22 -4.77 4.70 32.23
N ARG B 23 -4.82 3.82 31.22
CA ARG B 23 -3.81 3.78 30.16
C ARG B 23 -4.42 4.23 28.82
N ILE B 24 -5.69 3.88 28.60
CA ILE B 24 -6.43 4.25 27.40
C ILE B 24 -7.76 4.84 27.82
N LEU B 25 -8.06 6.07 27.35
CA LEU B 25 -9.34 6.71 27.59
C LEU B 25 -9.99 6.99 26.23
N ASN B 26 -11.07 6.27 25.95
CA ASN B 26 -11.80 6.38 24.70
C ASN B 26 -13.12 7.11 24.92
N LEU B 27 -13.16 8.39 24.49
CA LEU B 27 -14.36 9.21 24.62
C LEU B 27 -14.94 9.59 23.27
N SER B 28 -14.55 8.88 22.19
CA SER B 28 -15.04 9.16 20.83
C SER B 28 -16.55 9.04 20.71
N GLY B 29 -17.14 9.87 19.85
CA GLY B 29 -18.57 9.89 19.55
C GLY B 29 -19.47 9.93 20.77
N SER B 30 -19.11 10.76 21.77
CA SER B 30 -19.88 10.87 23.02
C SER B 30 -20.48 12.29 23.21
N LYS B 31 -20.58 13.08 22.10
CA LYS B 31 -21.11 14.45 22.11
C LYS B 31 -20.43 15.34 23.20
N LEU B 32 -19.11 15.14 23.38
CA LEU B 32 -18.31 15.87 24.35
C LEU B 32 -18.12 17.30 23.85
N THR B 33 -18.60 18.28 24.64
CA THR B 33 -18.52 19.71 24.32
C THR B 33 -17.32 20.40 24.97
N THR B 34 -16.87 19.90 26.13
CA THR B 34 -15.72 20.43 26.87
C THR B 34 -14.96 19.27 27.49
N LEU B 35 -13.64 19.34 27.47
CA LEU B 35 -12.84 18.33 28.14
C LEU B 35 -12.50 18.90 29.52
N PRO B 36 -12.94 18.26 30.62
CA PRO B 36 -12.64 18.81 31.97
C PRO B 36 -11.14 18.89 32.25
N GLY B 37 -10.74 19.94 32.97
CA GLY B 37 -9.36 20.19 33.37
C GLY B 37 -8.75 19.05 34.19
N GLU B 38 -9.61 18.26 34.86
CA GLU B 38 -9.19 17.09 35.68
C GLU B 38 -8.55 15.97 34.83
N ILE B 39 -8.50 16.14 33.48
CA ILE B 39 -7.85 15.20 32.56
C ILE B 39 -6.36 15.04 32.93
N GLY B 40 -5.75 16.14 33.40
CA GLY B 40 -4.35 16.23 33.83
C GLY B 40 -3.97 15.27 34.94
N LYS B 41 -4.96 14.80 35.73
CA LYS B 41 -4.77 13.83 36.82
C LYS B 41 -4.43 12.40 36.30
N LEU B 42 -4.79 12.08 35.05
CA LEU B 42 -4.50 10.77 34.46
C LEU B 42 -3.02 10.71 34.01
N GLN B 43 -2.11 10.64 35.00
CA GLN B 43 -0.66 10.67 34.77
C GLN B 43 -0.12 9.55 33.93
N ASN B 44 -0.73 8.38 33.95
CA ASN B 44 -0.21 7.23 33.19
C ASN B 44 -0.90 7.04 31.84
N LEU B 45 -1.81 7.96 31.45
CA LEU B 45 -2.54 7.91 30.17
C LEU B 45 -1.58 7.85 29.00
N GLN B 46 -1.78 6.88 28.09
CA GLN B 46 -0.94 6.68 26.91
C GLN B 46 -1.70 7.02 25.63
N LEU B 47 -3.00 6.78 25.62
CA LEU B 47 -3.83 7.07 24.44
C LEU B 47 -5.12 7.74 24.89
N LEU B 48 -5.41 8.87 24.25
CA LEU B 48 -6.61 9.64 24.53
C LEU B 48 -7.37 9.80 23.20
N ASN B 49 -8.54 9.21 23.13
CA ASN B 49 -9.34 9.31 21.90
C ASN B 49 -10.52 10.25 22.14
N LEU B 50 -10.47 11.42 21.50
CA LEU B 50 -11.50 12.47 21.60
C LEU B 50 -12.17 12.70 20.23
N ASP B 51 -11.99 11.76 19.28
CA ASP B 51 -12.53 11.84 17.90
C ASP B 51 -14.03 11.95 17.87
N ASP B 52 -14.56 12.63 16.84
CA ASP B 52 -16.00 12.76 16.59
C ASP B 52 -16.75 13.29 17.79
N ASN B 53 -16.41 14.49 18.23
CA ASN B 53 -17.07 15.15 19.37
C ASN B 53 -17.34 16.60 18.98
N GLN B 54 -17.65 17.47 19.97
CA GLN B 54 -18.00 18.84 19.71
C GLN B 54 -17.07 19.84 20.38
N LEU B 55 -15.79 19.48 20.56
CA LEU B 55 -14.80 20.32 21.21
C LEU B 55 -14.42 21.55 20.37
N ILE B 56 -14.42 22.72 20.99
CA ILE B 56 -14.06 23.99 20.34
C ILE B 56 -12.67 24.41 20.78
N ALA B 57 -12.23 23.93 21.97
CA ALA B 57 -10.93 24.22 22.57
C ALA B 57 -10.52 23.08 23.51
N LEU B 58 -9.29 23.15 24.06
CA LEU B 58 -8.79 22.15 25.02
C LEU B 58 -8.31 22.85 26.29
N PRO B 59 -8.46 22.22 27.48
CA PRO B 59 -7.94 22.85 28.70
C PRO B 59 -6.40 22.87 28.70
N LYS B 60 -5.81 23.85 29.41
CA LYS B 60 -4.36 23.97 29.53
C LYS B 60 -3.72 22.76 30.26
N GLU B 61 -4.52 22.07 31.09
CA GLU B 61 -4.11 20.90 31.87
C GLU B 61 -3.80 19.67 30.99
N ILE B 62 -4.16 19.72 29.68
CA ILE B 62 -3.84 18.65 28.73
C ILE B 62 -2.32 18.45 28.66
N GLY B 63 -1.58 19.54 28.90
CA GLY B 63 -0.12 19.55 28.94
C GLY B 63 0.49 18.68 30.03
N LYS B 64 -0.28 18.33 31.08
CA LYS B 64 0.21 17.49 32.20
C LYS B 64 0.33 15.99 31.86
N LEU B 65 -0.25 15.54 30.71
CA LEU B 65 -0.22 14.14 30.28
C LEU B 65 1.16 13.78 29.72
N GLN B 66 2.17 13.66 30.62
CA GLN B 66 3.56 13.40 30.24
C GLN B 66 3.80 12.00 29.66
N ASN B 67 2.89 11.05 29.90
CA ASN B 67 3.02 9.71 29.33
C ASN B 67 2.22 9.51 28.03
N LEU B 68 1.43 10.53 27.61
CA LEU B 68 0.59 10.44 26.39
C LEU B 68 1.41 10.26 25.12
N GLN B 69 1.14 9.17 24.38
CA GLN B 69 1.83 8.81 23.13
C GLN B 69 0.94 9.11 21.90
N GLN B 70 -0.39 9.06 22.08
CA GLN B 70 -1.33 9.31 20.98
C GLN B 70 -2.49 10.17 21.41
N LEU B 71 -2.72 11.26 20.67
CA LEU B 71 -3.82 12.16 20.93
C LEU B 71 -4.67 12.26 19.64
N HIS B 72 -5.88 11.66 19.70
CA HIS B 72 -6.82 11.61 18.57
C HIS B 72 -7.88 12.69 18.84
N LEU B 73 -7.87 13.73 18.03
CA LEU B 73 -8.78 14.87 18.18
C LEU B 73 -9.49 15.21 16.88
N SER B 74 -9.61 14.23 16.00
CA SER B 74 -10.23 14.40 14.69
C SER B 74 -11.72 14.61 14.79
N LYS B 75 -12.28 15.29 13.78
CA LYS B 75 -13.73 15.53 13.66
C LYS B 75 -14.34 16.20 14.91
N ASN B 76 -13.80 17.35 15.27
CA ASN B 76 -14.34 18.19 16.32
C ASN B 76 -14.50 19.57 15.63
N GLN B 77 -14.55 20.64 16.39
CA GLN B 77 -14.59 21.98 15.82
C GLN B 77 -13.58 22.85 16.52
N LEU B 78 -12.37 22.30 16.74
CA LEU B 78 -11.27 23.00 17.43
C LEU B 78 -10.88 24.25 16.69
N MSE B 79 -10.92 25.39 17.39
CA MSE B 79 -10.60 26.71 16.84
C MSE B 79 -9.13 27.09 17.07
O MSE B 79 -8.57 27.90 16.33
CB MSE B 79 -11.53 27.78 17.41
CG MSE B 79 -13.02 27.43 17.31
SE MSE B 79 -13.86 27.71 15.72
CE MSE B 79 -13.37 29.28 15.40
N ALA B 80 -8.52 26.51 18.11
CA ALA B 80 -7.14 26.79 18.50
C ALA B 80 -6.61 25.66 19.39
N LEU B 81 -5.27 25.51 19.42
CA LEU B 81 -4.58 24.55 20.27
C LEU B 81 -3.91 25.37 21.40
N PRO B 82 -3.98 24.95 22.69
CA PRO B 82 -3.27 25.73 23.73
C PRO B 82 -1.75 25.64 23.58
N GLU B 83 -1.01 26.65 24.07
CA GLU B 83 0.46 26.66 24.02
C GLU B 83 1.02 25.42 24.75
N GLU B 84 0.30 24.93 25.78
CA GLU B 84 0.61 23.76 26.62
C GLU B 84 0.67 22.44 25.86
N ILE B 85 0.21 22.42 24.59
CA ILE B 85 0.27 21.22 23.75
C ILE B 85 1.72 20.77 23.56
N GLY B 86 2.64 21.73 23.58
CA GLY B 86 4.07 21.48 23.44
C GLY B 86 4.71 20.74 24.61
N GLN B 87 4.00 20.64 25.74
CA GLN B 87 4.46 19.96 26.96
C GLN B 87 4.38 18.42 26.86
N LEU B 88 3.63 17.90 25.86
CA LEU B 88 3.45 16.45 25.62
C LEU B 88 4.71 15.82 25.03
N GLN B 89 5.76 15.72 25.87
CA GLN B 89 7.07 15.17 25.49
C GLN B 89 7.06 13.77 24.89
N ASN B 90 6.11 12.91 25.26
CA ASN B 90 6.10 11.53 24.74
C ASN B 90 5.17 11.34 23.52
N LEU B 91 4.46 12.41 23.14
CA LEU B 91 3.53 12.36 22.00
C LEU B 91 4.20 11.95 20.70
N GLN B 92 3.72 10.85 20.10
CA GLN B 92 4.23 10.33 18.82
C GLN B 92 3.22 10.54 17.70
N LYS B 93 1.95 10.61 18.02
CA LYS B 93 0.91 10.77 17.01
C LYS B 93 -0.06 11.86 17.43
N LEU B 94 -0.27 12.86 16.56
CA LEU B 94 -1.21 13.93 16.86
C LEU B 94 -2.17 14.02 15.66
N LYS B 95 -3.43 13.63 15.89
CA LYS B 95 -4.45 13.60 14.83
C LYS B 95 -5.48 14.70 15.02
N LEU B 96 -5.46 15.69 14.11
CA LEU B 96 -6.35 16.86 14.20
C LEU B 96 -7.16 17.07 12.91
N TYR B 97 -7.32 16.01 12.13
CA TYR B 97 -8.07 15.99 10.86
C TYR B 97 -9.50 16.53 11.10
N GLU B 98 -10.05 17.38 10.21
CA GLU B 98 -11.45 17.87 10.33
C GLU B 98 -11.71 18.71 11.60
N ASN B 99 -11.10 19.88 11.65
CA ASN B 99 -11.29 20.86 12.70
C ASN B 99 -11.28 22.22 12.04
N GLN B 100 -11.27 23.30 12.82
CA GLN B 100 -11.26 24.65 12.23
C GLN B 100 -10.03 25.45 12.64
N LEU B 101 -8.86 24.81 12.66
CA LEU B 101 -7.62 25.48 13.05
C LEU B 101 -7.18 26.45 11.96
N THR B 102 -6.86 27.69 12.37
CA THR B 102 -6.37 28.75 11.48
C THR B 102 -4.89 29.00 11.74
N ALA B 103 -4.37 28.45 12.85
CA ALA B 103 -2.96 28.56 13.25
C ALA B 103 -2.58 27.39 14.15
N ILE B 104 -1.28 27.09 14.18
CA ILE B 104 -0.63 26.06 14.99
C ILE B 104 0.39 26.81 15.87
N PRO B 105 0.34 26.66 17.22
CA PRO B 105 1.31 27.37 18.09
C PRO B 105 2.74 26.99 17.80
N LYS B 106 3.67 27.95 18.04
CA LYS B 106 5.11 27.71 17.85
C LYS B 106 5.62 26.56 18.73
N GLU B 107 4.95 26.32 19.87
CA GLU B 107 5.29 25.25 20.84
C GLU B 107 5.15 23.84 20.28
N ILE B 108 4.62 23.72 19.03
CA ILE B 108 4.52 22.44 18.33
C ILE B 108 5.93 21.90 18.09
N GLY B 109 6.90 22.80 17.93
CA GLY B 109 8.31 22.46 17.73
C GLY B 109 8.94 21.75 18.91
N GLN B 110 8.29 21.82 20.07
CA GLN B 110 8.75 21.14 21.29
C GLN B 110 8.43 19.65 21.28
N LEU B 111 7.44 19.22 20.44
CA LEU B 111 7.00 17.82 20.33
C LEU B 111 8.00 17.01 19.51
N GLN B 112 9.25 16.88 19.98
CA GLN B 112 10.27 16.25 19.18
C GLN B 112 10.16 14.73 19.07
N ASN B 113 9.25 14.09 19.85
CA ASN B 113 8.98 12.67 19.68
C ASN B 113 7.88 12.42 18.62
N LEU B 114 7.25 13.49 18.12
CA LEU B 114 6.17 13.39 17.11
C LEU B 114 6.63 12.72 15.83
N GLN B 115 5.94 11.63 15.45
CA GLN B 115 6.23 10.86 14.25
C GLN B 115 5.16 11.11 13.18
N GLU B 116 3.95 11.40 13.63
CA GLU B 116 2.81 11.62 12.73
C GLU B 116 2.01 12.80 13.19
N LEU B 117 1.78 13.73 12.25
CA LEU B 117 0.99 14.92 12.51
C LEU B 117 -0.04 15.05 11.39
N ASN B 118 -1.31 14.91 11.75
CA ASN B 118 -2.38 15.00 10.76
C ASN B 118 -3.13 16.30 10.97
N LEU B 119 -2.92 17.27 10.08
CA LEU B 119 -3.60 18.56 10.16
C LEU B 119 -4.52 18.74 8.92
N ALA B 120 -4.89 17.63 8.26
CA ALA B 120 -5.75 17.73 7.06
C ALA B 120 -7.14 18.23 7.42
N HIS B 121 -7.84 18.86 6.48
CA HIS B 121 -9.21 19.38 6.66
C HIS B 121 -9.31 20.40 7.81
N ASN B 122 -8.45 21.42 7.75
CA ASN B 122 -8.50 22.54 8.69
C ASN B 122 -8.55 23.81 7.85
N GLN B 123 -8.25 24.97 8.46
CA GLN B 123 -8.27 26.23 7.70
C GLN B 123 -6.93 26.96 7.86
N LEU B 124 -5.82 26.19 7.75
CA LEU B 124 -4.44 26.66 7.90
C LEU B 124 -3.92 27.29 6.62
N ALA B 125 -3.25 28.44 6.74
CA ALA B 125 -2.64 29.13 5.62
C ALA B 125 -1.12 29.23 5.82
N THR B 126 -0.66 28.99 7.07
CA THR B 126 0.76 29.05 7.43
C THR B 126 1.08 28.04 8.52
N LEU B 127 2.37 27.76 8.71
CA LEU B 127 2.90 26.95 9.79
C LEU B 127 4.00 27.75 10.49
N PRO B 128 4.23 27.57 11.81
CA PRO B 128 5.37 28.26 12.44
C PRO B 128 6.67 27.66 11.92
N GLU B 129 7.74 28.48 11.87
CA GLU B 129 9.05 28.03 11.42
C GLU B 129 9.60 26.91 12.33
N ASP B 130 9.13 26.88 13.59
CA ASP B 130 9.49 25.91 14.65
C ASP B 130 9.21 24.45 14.26
N ILE B 131 8.47 24.26 13.14
CA ILE B 131 8.14 22.96 12.57
C ILE B 131 9.43 22.23 12.18
N GLU B 132 10.52 23.00 11.89
CA GLU B 132 11.84 22.48 11.50
C GLU B 132 12.50 21.64 12.62
N GLN B 133 12.05 21.78 13.85
CA GLN B 133 12.59 21.02 14.98
C GLN B 133 12.01 19.59 15.07
N LEU B 134 10.97 19.27 14.28
CA LEU B 134 10.32 17.94 14.30
C LEU B 134 11.15 16.94 13.50
N GLN B 135 12.32 16.58 14.04
CA GLN B 135 13.29 15.75 13.34
C GLN B 135 12.98 14.27 13.39
N ARG B 136 11.95 13.87 14.16
CA ARG B 136 11.49 12.49 14.17
C ARG B 136 10.21 12.33 13.31
N LEU B 137 9.65 13.46 12.80
CA LEU B 137 8.44 13.44 11.97
C LEU B 137 8.61 12.63 10.72
N GLN B 138 7.75 11.61 10.54
CA GLN B 138 7.79 10.72 9.39
C GLN B 138 6.62 11.00 8.45
N THR B 139 5.48 11.40 9.01
CA THR B 139 4.26 11.64 8.25
C THR B 139 3.62 12.96 8.62
N LEU B 140 3.35 13.76 7.59
CA LEU B 140 2.75 15.09 7.74
C LEU B 140 1.63 15.30 6.73
N TYR B 141 0.40 15.41 7.20
CA TYR B 141 -0.76 15.59 6.33
C TYR B 141 -1.28 17.02 6.49
N LEU B 142 -1.21 17.79 5.39
CA LEU B 142 -1.69 19.19 5.36
C LEU B 142 -2.73 19.40 4.25
N GLY B 143 -3.24 18.31 3.71
CA GLY B 143 -4.26 18.36 2.65
C GLY B 143 -5.51 19.10 3.08
N HIS B 144 -6.26 19.67 2.12
CA HIS B 144 -7.54 20.34 2.40
C HIS B 144 -7.42 21.47 3.43
N ASN B 145 -6.46 22.36 3.20
CA ASN B 145 -6.26 23.55 4.02
C ASN B 145 -6.31 24.77 3.07
N GLN B 146 -5.67 25.89 3.43
CA GLN B 146 -5.68 27.12 2.63
C GLN B 146 -4.29 27.64 2.33
N PHE B 147 -3.31 26.72 2.08
CA PHE B 147 -1.94 27.10 1.76
C PHE B 147 -1.79 27.59 0.33
N ASN B 148 -1.34 28.85 0.16
CA ASN B 148 -1.06 29.48 -1.13
C ASN B 148 0.38 29.21 -1.48
N SER B 149 1.17 28.95 -0.44
CA SER B 149 2.57 28.61 -0.53
C SER B 149 2.91 27.81 0.72
N ILE B 150 3.96 27.02 0.65
CA ILE B 150 4.40 26.22 1.78
C ILE B 150 5.81 26.69 2.20
N LEU B 151 6.00 27.03 3.48
CA LEU B 151 7.26 27.55 4.03
C LEU B 151 8.45 26.68 3.68
N LYS B 152 9.62 27.30 3.41
CA LYS B 152 10.80 26.55 3.00
C LYS B 152 11.38 25.64 4.11
N GLU B 153 11.02 25.91 5.38
CA GLU B 153 11.40 25.14 6.59
C GLU B 153 10.91 23.69 6.51
N ILE B 154 9.95 23.41 5.61
CA ILE B 154 9.42 22.07 5.36
C ILE B 154 10.56 21.15 4.89
N GLY B 155 11.54 21.73 4.19
CA GLY B 155 12.73 21.05 3.69
C GLY B 155 13.69 20.64 4.78
N GLN B 156 13.51 21.14 6.02
CA GLN B 156 14.32 20.79 7.18
C GLN B 156 13.89 19.45 7.82
N LEU B 157 12.76 18.87 7.38
CA LEU B 157 12.27 17.62 7.98
C LEU B 157 12.96 16.43 7.35
N GLN B 158 14.20 16.16 7.78
CA GLN B 158 15.04 15.14 7.19
C GLN B 158 14.49 13.71 7.30
N ASN B 159 13.69 13.42 8.34
CA ASN B 159 13.12 12.07 8.48
C ASN B 159 11.75 11.88 7.78
N LEU B 160 11.21 12.93 7.17
CA LEU B 160 9.90 12.87 6.52
C LEU B 160 9.83 11.89 5.39
N GLU B 161 8.83 10.99 5.45
CA GLU B 161 8.61 9.94 4.47
C GLU B 161 7.35 10.19 3.66
N SER B 162 6.30 10.77 4.26
CA SER B 162 5.05 11.08 3.55
C SER B 162 4.64 12.50 3.86
N LEU B 163 4.36 13.26 2.78
CA LEU B 163 3.95 14.64 2.87
C LEU B 163 2.68 14.83 2.02
N GLY B 164 1.60 15.19 2.68
CA GLY B 164 0.31 15.38 2.00
C GLY B 164 0.02 16.86 1.90
N LEU B 165 -0.04 17.40 0.68
CA LEU B 165 -0.32 18.83 0.45
C LEU B 165 -1.43 18.99 -0.59
N ASP B 166 -2.23 17.94 -0.78
CA ASP B 166 -3.32 17.92 -1.75
C ASP B 166 -4.43 18.91 -1.37
N HIS B 167 -5.18 19.41 -2.38
CA HIS B 167 -6.33 20.29 -2.16
C HIS B 167 -5.99 21.53 -1.37
N ASN B 168 -4.92 22.19 -1.76
CA ASN B 168 -4.53 23.49 -1.22
C ASN B 168 -4.58 24.47 -2.39
N GLN B 169 -3.85 25.60 -2.33
CA GLN B 169 -3.90 26.60 -3.40
C GLN B 169 -2.52 26.88 -3.95
N LEU B 170 -1.62 25.87 -3.90
CA LEU B 170 -0.24 26.01 -4.33
C LEU B 170 -0.06 26.27 -5.82
N ASN B 171 0.67 27.34 -6.17
CA ASN B 171 0.98 27.62 -7.58
C ASN B 171 2.37 27.08 -7.86
N VAL B 172 3.23 27.11 -6.84
CA VAL B 172 4.64 26.74 -6.94
C VAL B 172 5.06 25.98 -5.67
N LEU B 173 6.17 25.24 -5.77
CA LEU B 173 6.78 24.56 -4.63
C LEU B 173 8.10 25.29 -4.28
N PRO B 174 8.48 25.42 -2.98
CA PRO B 174 9.79 26.06 -2.68
C PRO B 174 10.92 25.15 -3.18
N LYS B 175 12.04 25.75 -3.61
CA LYS B 175 13.19 24.98 -4.10
C LYS B 175 13.76 24.02 -3.03
N GLU B 176 13.55 24.35 -1.74
CA GLU B 176 14.00 23.61 -0.55
C GLU B 176 13.29 22.26 -0.35
N ILE B 177 12.21 22.01 -1.10
CA ILE B 177 11.47 20.75 -1.06
C ILE B 177 12.42 19.59 -1.43
N GLY B 178 13.39 19.88 -2.31
CA GLY B 178 14.41 18.95 -2.77
C GLY B 178 15.35 18.44 -1.68
N GLN B 179 15.29 19.03 -0.46
CA GLN B 179 16.09 18.65 0.74
C GLN B 179 15.46 17.45 1.52
N LEU B 180 14.28 16.96 1.09
CA LEU B 180 13.58 15.85 1.75
C LEU B 180 14.08 14.52 1.18
N ARG B 181 15.34 14.17 1.56
CA ARG B 181 16.05 13.00 1.05
C ARG B 181 15.40 11.67 1.41
N ASN B 182 14.63 11.62 2.49
CA ASN B 182 13.93 10.40 2.89
C ASN B 182 12.48 10.33 2.41
N LEU B 183 11.99 11.37 1.69
CA LEU B 183 10.61 11.38 1.21
C LEU B 183 10.31 10.25 0.26
N GLU B 184 9.25 9.49 0.54
CA GLU B 184 8.84 8.37 -0.29
C GLU B 184 7.52 8.68 -1.00
N SER B 185 6.66 9.47 -0.37
CA SER B 185 5.35 9.80 -0.94
C SER B 185 5.09 11.30 -0.88
N LEU B 186 4.75 11.89 -2.01
CA LEU B 186 4.46 13.33 -2.08
C LEU B 186 3.07 13.52 -2.72
N GLY B 187 2.11 13.98 -1.94
CA GLY B 187 0.76 14.21 -2.42
C GLY B 187 0.50 15.67 -2.75
N LEU B 188 0.36 16.00 -4.04
CA LEU B 188 0.10 17.36 -4.49
C LEU B 188 -1.16 17.50 -5.37
N ASP B 189 -2.06 16.49 -5.35
CA ASP B 189 -3.28 16.53 -6.17
C ASP B 189 -4.11 17.79 -5.92
N HIS B 190 -4.71 18.30 -6.99
CA HIS B 190 -5.69 19.36 -6.94
C HIS B 190 -5.21 20.67 -6.28
N ASN B 191 -4.00 21.10 -6.63
CA ASN B 191 -3.50 22.41 -6.24
C ASN B 191 -3.62 23.21 -7.56
N GLN B 192 -2.75 24.18 -7.82
CA GLN B 192 -2.82 24.88 -9.11
C GLN B 192 -1.40 25.06 -9.62
N LEU B 193 -0.59 24.01 -9.41
CA LEU B 193 0.82 24.01 -9.80
C LEU B 193 0.96 24.20 -11.28
N ASN B 194 1.70 25.23 -11.68
CA ASN B 194 1.92 25.53 -13.10
C ASN B 194 3.31 25.08 -13.53
N VAL B 195 4.19 24.79 -12.55
CA VAL B 195 5.55 24.35 -12.81
C VAL B 195 6.05 23.55 -11.58
N LEU B 196 6.99 22.64 -11.81
CA LEU B 196 7.66 21.89 -10.75
C LEU B 196 9.09 22.44 -10.64
N PRO B 197 9.68 22.60 -9.43
CA PRO B 197 11.07 23.11 -9.35
C PRO B 197 12.07 22.09 -9.90
N LYS B 198 13.20 22.57 -10.42
CA LYS B 198 14.23 21.65 -10.92
C LYS B 198 14.75 20.72 -9.79
N GLU B 199 14.68 21.20 -8.53
CA GLU B 199 15.09 20.52 -7.31
C GLU B 199 14.23 19.28 -6.97
N ILE B 200 13.09 19.09 -7.69
CA ILE B 200 12.23 17.92 -7.52
C ILE B 200 13.05 16.64 -7.74
N GLY B 201 14.03 16.70 -8.63
CA GLY B 201 14.93 15.61 -8.99
C GLY B 201 15.85 15.17 -7.86
N GLN B 202 16.00 15.98 -6.81
CA GLN B 202 16.83 15.65 -5.65
C GLN B 202 16.15 14.65 -4.68
N LEU B 203 14.84 14.34 -4.91
CA LEU B 203 14.09 13.44 -4.05
C LEU B 203 14.39 11.98 -4.43
N GLN B 204 15.63 11.56 -4.10
CA GLN B 204 16.16 10.24 -4.44
C GLN B 204 15.38 9.06 -3.88
N ASN B 205 14.66 9.23 -2.75
CA ASN B 205 13.86 8.13 -2.19
C ASN B 205 12.40 8.12 -2.64
N LEU B 206 11.97 9.14 -3.40
CA LEU B 206 10.56 9.26 -3.84
C LEU B 206 10.08 8.08 -4.64
N GLN B 207 9.01 7.46 -4.18
CA GLN B 207 8.40 6.30 -4.83
C GLN B 207 7.05 6.65 -5.46
N ILE B 208 6.31 7.56 -4.84
CA ILE B 208 4.96 7.94 -5.29
C ILE B 208 4.86 9.45 -5.38
N LEU B 209 4.42 9.95 -6.56
CA LEU B 209 4.24 11.39 -6.78
C LEU B 209 2.83 11.61 -7.38
N HIS B 210 1.94 12.21 -6.59
CA HIS B 210 0.55 12.49 -6.97
C HIS B 210 0.45 13.93 -7.39
N LEU B 211 0.24 14.17 -8.68
CA LEU B 211 0.16 15.53 -9.24
C LEU B 211 -1.09 15.74 -10.05
N ARG B 212 -2.13 14.95 -9.78
CA ARG B 212 -3.39 15.00 -10.52
C ARG B 212 -4.08 16.31 -10.35
N ASN B 213 -4.74 16.78 -11.41
CA ASN B 213 -5.57 17.99 -11.35
C ASN B 213 -4.78 19.25 -10.96
N ASN B 214 -3.68 19.48 -11.65
CA ASN B 214 -2.91 20.70 -11.45
C ASN B 214 -2.92 21.44 -12.81
N GLN B 215 -1.99 22.38 -13.03
CA GLN B 215 -1.96 23.14 -14.28
C GLN B 215 -0.60 23.04 -14.96
N LEU B 216 0.06 21.87 -14.86
CA LEU B 216 1.38 21.65 -15.45
C LEU B 216 1.36 21.60 -16.96
N THR B 217 2.27 22.32 -17.62
CA THR B 217 2.36 22.31 -19.09
C THR B 217 3.52 21.47 -19.56
N THR B 218 4.62 21.43 -18.75
CA THR B 218 5.81 20.61 -19.02
C THR B 218 6.28 20.00 -17.68
N LEU B 219 7.19 19.03 -17.78
CA LEU B 219 7.85 18.45 -16.62
C LEU B 219 9.33 18.88 -16.72
N PRO B 220 10.04 19.18 -15.61
CA PRO B 220 11.47 19.54 -15.74
C PRO B 220 12.28 18.34 -16.17
N LYS B 221 13.42 18.57 -16.84
CA LYS B 221 14.31 17.49 -17.29
C LYS B 221 14.80 16.67 -16.10
N GLU B 222 14.91 17.31 -14.91
CA GLU B 222 15.37 16.71 -13.64
C GLU B 222 14.40 15.64 -13.11
N ILE B 223 13.16 15.56 -13.65
CA ILE B 223 12.19 14.52 -13.26
C ILE B 223 12.82 13.11 -13.44
N GLY B 224 13.72 12.95 -14.43
CA GLY B 224 14.41 11.70 -14.73
C GLY B 224 15.38 11.24 -13.66
N GLN B 225 15.75 12.12 -12.74
CA GLN B 225 16.67 11.82 -11.64
C GLN B 225 15.97 11.03 -10.51
N LEU B 226 14.62 10.88 -10.59
CA LEU B 226 13.85 10.18 -9.55
C LEU B 226 14.01 8.66 -9.71
N GLN B 227 15.21 8.19 -9.30
CA GLN B 227 15.63 6.79 -9.49
C GLN B 227 14.74 5.76 -8.78
N ASN B 228 14.06 6.14 -7.69
CA ASN B 228 13.21 5.21 -6.95
C ASN B 228 11.71 5.32 -7.28
N LEU B 229 11.33 6.27 -8.18
CA LEU B 229 9.92 6.51 -8.55
C LEU B 229 9.24 5.28 -9.15
N GLN B 230 8.10 4.88 -8.57
CA GLN B 230 7.31 3.74 -8.98
C GLN B 230 5.97 4.16 -9.57
N LYS B 231 5.38 5.23 -9.05
CA LYS B 231 4.06 5.71 -9.52
C LYS B 231 4.11 7.21 -9.76
N LEU B 232 3.75 7.61 -10.98
CA LEU B 232 3.72 9.00 -11.39
C LEU B 232 2.30 9.30 -11.89
N LEU B 233 1.52 10.06 -11.11
CA LEU B 233 0.13 10.35 -11.48
C LEU B 233 0.00 11.78 -11.92
N LEU B 234 -0.18 11.97 -13.22
CA LEU B 234 -0.26 13.29 -13.87
C LEU B 234 -1.61 13.57 -14.55
N ASN B 235 -2.66 12.84 -14.14
CA ASN B 235 -4.02 13.02 -14.70
C ASN B 235 -4.45 14.47 -14.62
N LYS B 236 -5.19 14.92 -15.63
CA LYS B 236 -5.82 16.25 -15.64
C LYS B 236 -4.84 17.40 -15.39
N ASN B 237 -3.81 17.47 -16.24
CA ASN B 237 -2.88 18.60 -16.27
C ASN B 237 -2.98 19.14 -17.70
N LYS B 238 -1.99 19.93 -18.15
CA LYS B 238 -1.99 20.53 -19.49
C LYS B 238 -0.73 20.18 -20.25
N LEU B 239 -0.16 18.98 -19.99
CA LEU B 239 1.08 18.55 -20.65
C LEU B 239 0.89 18.39 -22.15
N THR B 240 1.79 18.98 -22.96
CA THR B 240 1.73 18.81 -24.44
C THR B 240 2.86 17.88 -24.87
N THR B 241 3.91 17.82 -24.03
CA THR B 241 5.08 17.00 -24.27
C THR B 241 5.63 16.37 -22.96
N LEU B 242 6.37 15.26 -23.08
CA LEU B 242 7.09 14.64 -21.97
C LEU B 242 8.60 14.81 -22.27
N PRO B 243 9.47 15.20 -21.30
CA PRO B 243 10.91 15.33 -21.63
C PRO B 243 11.57 13.98 -21.93
N LYS B 244 12.72 14.00 -22.65
CA LYS B 244 13.44 12.78 -23.03
C LYS B 244 13.82 11.99 -21.79
N GLU B 245 14.18 12.70 -20.72
CA GLU B 245 14.61 12.19 -19.41
C GLU B 245 13.61 11.28 -18.71
N ILE B 246 12.32 11.27 -19.15
CA ILE B 246 11.29 10.40 -18.58
C ILE B 246 11.71 8.92 -18.67
N GLY B 247 12.53 8.59 -19.68
CA GLY B 247 13.03 7.25 -19.93
C GLY B 247 14.05 6.75 -18.91
N GLN B 248 14.61 7.65 -18.09
CA GLN B 248 15.58 7.33 -17.03
C GLN B 248 14.91 6.70 -15.78
N LEU B 249 13.57 6.71 -15.72
CA LEU B 249 12.79 6.20 -14.58
C LEU B 249 12.65 4.68 -14.66
N GLN B 250 13.78 3.99 -14.36
CA GLN B 250 13.88 2.53 -14.48
C GLN B 250 12.97 1.76 -13.53
N ASN B 251 12.56 2.36 -12.40
CA ASN B 251 11.67 1.68 -11.45
C ASN B 251 10.18 2.00 -11.64
N LEU B 252 9.85 2.88 -12.59
CA LEU B 252 8.48 3.31 -12.82
C LEU B 252 7.59 2.19 -13.25
N GLN B 253 6.50 1.98 -12.50
CA GLN B 253 5.54 0.90 -12.73
C GLN B 253 4.25 1.44 -13.27
N LYS B 254 3.85 2.63 -12.83
CA LYS B 254 2.58 3.23 -13.27
C LYS B 254 2.78 4.66 -13.71
N LEU B 255 2.35 4.95 -14.94
CA LEU B 255 2.39 6.29 -15.53
C LEU B 255 0.96 6.63 -15.95
N LYS B 256 0.34 7.57 -15.25
CA LYS B 256 -1.04 7.95 -15.52
C LYS B 256 -1.08 9.36 -16.08
N LEU B 257 -1.44 9.49 -17.35
CA LEU B 257 -1.44 10.77 -18.09
C LEU B 257 -2.83 11.11 -18.68
N TYR B 258 -3.90 10.54 -18.09
CA TYR B 258 -5.30 10.73 -18.46
C TYR B 258 -5.64 12.22 -18.53
N GLU B 259 -6.28 12.63 -19.61
CA GLU B 259 -6.72 14.01 -19.85
C GLU B 259 -5.59 15.05 -19.81
N ASN B 260 -4.59 14.84 -20.66
CA ASN B 260 -3.55 15.83 -20.85
C ASN B 260 -3.74 16.30 -22.33
N GLN B 261 -2.76 17.02 -22.89
CA GLN B 261 -2.86 17.47 -24.28
C GLN B 261 -1.67 16.91 -25.08
N LEU B 262 -1.25 15.67 -24.77
CA LEU B 262 -0.10 15.06 -25.42
C LEU B 262 -0.38 14.78 -26.87
N THR B 263 0.55 15.22 -27.72
CA THR B 263 0.47 15.04 -29.19
C THR B 263 1.35 13.88 -29.63
N THR B 264 2.46 13.68 -28.91
CA THR B 264 3.38 12.59 -29.20
C THR B 264 4.06 12.13 -27.91
N LEU B 265 4.66 10.95 -27.93
CA LEU B 265 5.43 10.44 -26.80
C LEU B 265 6.90 10.39 -27.21
N PRO B 266 7.87 10.74 -26.33
CA PRO B 266 9.28 10.62 -26.72
C PRO B 266 9.63 9.17 -27.02
N LYS B 267 10.60 8.94 -27.93
CA LYS B 267 11.04 7.58 -28.26
C LYS B 267 11.61 6.88 -27.01
N GLU B 268 12.18 7.66 -26.09
CA GLU B 268 12.79 7.22 -24.82
C GLU B 268 11.80 6.53 -23.86
N ILE B 269 10.48 6.63 -24.14
CA ILE B 269 9.43 5.95 -23.40
C ILE B 269 9.71 4.43 -23.35
N GLY B 270 10.34 3.89 -24.41
CA GLY B 270 10.69 2.48 -24.52
C GLY B 270 11.70 2.00 -23.48
N GLN B 271 12.40 2.94 -22.81
CA GLN B 271 13.39 2.66 -21.76
C GLN B 271 12.76 2.36 -20.39
N LEU B 272 11.43 2.48 -20.27
CA LEU B 272 10.71 2.27 -19.00
C LEU B 272 10.55 0.78 -18.72
N GLN B 273 11.68 0.15 -18.39
CA GLN B 273 11.89 -1.27 -18.11
C GLN B 273 10.76 -1.94 -17.26
N ASN B 274 10.36 -1.29 -16.18
CA ASN B 274 9.40 -1.84 -15.23
C ASN B 274 7.96 -1.38 -15.39
N LEU B 275 7.67 -0.55 -16.40
CA LEU B 275 6.31 -0.04 -16.60
C LEU B 275 5.28 -1.14 -16.84
N GLN B 276 4.26 -1.19 -15.98
CA GLN B 276 3.16 -2.17 -16.03
C GLN B 276 1.86 -1.54 -16.47
N GLU B 277 1.67 -0.26 -16.16
CA GLU B 277 0.45 0.46 -16.53
C GLU B 277 0.76 1.81 -17.14
N LEU B 278 0.17 2.08 -18.31
CA LEU B 278 0.33 3.31 -19.06
C LEU B 278 -1.06 3.78 -19.48
N ASP B 279 -1.50 4.90 -18.88
CA ASP B 279 -2.83 5.44 -19.12
C ASP B 279 -2.72 6.75 -19.91
N LEU B 280 -3.07 6.70 -21.18
CA LEU B 280 -3.01 7.88 -22.04
C LEU B 280 -4.37 8.28 -22.55
N ASP B 281 -5.41 7.87 -21.85
CA ASP B 281 -6.79 8.19 -22.19
C ASP B 281 -6.99 9.73 -22.29
N GLY B 282 -7.78 10.19 -23.25
CA GLY B 282 -8.09 11.61 -23.37
C GLY B 282 -6.99 12.54 -23.86
N ASN B 283 -5.99 12.00 -24.54
CA ASN B 283 -4.93 12.84 -25.09
C ASN B 283 -5.22 13.18 -26.57
N GLN B 284 -4.21 13.74 -27.27
CA GLN B 284 -4.31 14.22 -28.66
C GLN B 284 -3.24 13.55 -29.56
N LEU B 285 -3.10 12.23 -29.40
CA LEU B 285 -2.14 11.42 -30.13
C LEU B 285 -2.63 11.11 -31.54
N THR B 286 -1.71 11.06 -32.49
CA THR B 286 -2.01 10.67 -33.87
C THR B 286 -1.64 9.19 -33.95
N THR B 287 -0.50 8.86 -33.32
CA THR B 287 0.05 7.53 -33.23
C THR B 287 0.92 7.46 -31.97
N LEU B 288 1.64 6.37 -31.87
CA LEU B 288 2.53 6.00 -30.79
C LEU B 288 3.92 5.74 -31.37
N PRO B 289 5.04 5.97 -30.64
CA PRO B 289 6.36 5.65 -31.21
C PRO B 289 6.54 4.13 -31.37
N GLU B 290 7.41 3.71 -32.29
CA GLU B 290 7.68 2.27 -32.49
C GLU B 290 8.25 1.64 -31.19
N ASN B 291 8.93 2.47 -30.36
CA ASN B 291 9.57 2.16 -29.09
C ASN B 291 8.61 1.66 -28.02
N ILE B 292 7.29 1.84 -28.23
CA ILE B 292 6.24 1.36 -27.33
C ILE B 292 6.38 -0.17 -27.13
N GLY B 293 6.83 -0.85 -28.19
CA GLY B 293 7.05 -2.30 -28.20
C GLY B 293 8.13 -2.79 -27.25
N GLN B 294 9.02 -1.90 -26.77
CA GLN B 294 10.09 -2.24 -25.84
C GLN B 294 9.60 -2.33 -24.37
N LEU B 295 8.30 -2.03 -24.11
CA LEU B 295 7.71 -2.07 -22.78
C LEU B 295 7.29 -3.51 -22.46
N GLN B 296 8.29 -4.37 -22.27
CA GLN B 296 8.13 -5.80 -22.07
C GLN B 296 7.38 -6.20 -20.81
N ARG B 297 7.33 -5.31 -19.80
CA ARG B 297 6.59 -5.56 -18.55
C ARG B 297 5.17 -4.98 -18.58
N LEU B 298 4.78 -4.29 -19.67
CA LEU B 298 3.45 -3.65 -19.75
C LEU B 298 2.29 -4.62 -19.69
N GLN B 299 1.36 -4.42 -18.73
CA GLN B 299 0.17 -5.26 -18.55
C GLN B 299 -1.11 -4.56 -18.97
N THR B 300 -1.16 -3.23 -18.76
CA THR B 300 -2.37 -2.45 -19.02
C THR B 300 -2.03 -1.20 -19.84
N LEU B 301 -2.75 -1.00 -20.94
CA LEU B 301 -2.55 0.13 -21.83
C LEU B 301 -3.91 0.77 -22.18
N TYR B 302 -4.10 2.01 -21.73
CA TYR B 302 -5.35 2.76 -21.94
C TYR B 302 -5.12 3.88 -22.93
N LEU B 303 -5.77 3.78 -24.07
CA LEU B 303 -5.65 4.75 -25.15
C LEU B 303 -7.02 5.24 -25.61
N GLY B 304 -8.00 5.13 -24.71
CA GLY B 304 -9.35 5.56 -24.99
C GLY B 304 -9.42 7.06 -25.30
N ASN B 305 -10.21 7.42 -26.33
CA ASN B 305 -10.44 8.81 -26.69
C ASN B 305 -9.16 9.64 -26.80
N ASN B 306 -8.14 9.12 -27.48
CA ASN B 306 -6.94 9.95 -27.55
C ASN B 306 -6.52 10.25 -28.99
N GLN B 307 -7.50 10.25 -29.91
CA GLN B 307 -7.38 10.64 -31.32
C GLN B 307 -6.49 9.71 -32.19
N LEU B 308 -6.23 8.46 -31.76
CA LEU B 308 -5.37 7.57 -32.55
C LEU B 308 -5.91 7.31 -33.94
N ASN B 309 -5.05 7.49 -34.96
CA ASN B 309 -5.39 7.20 -36.37
C ASN B 309 -4.95 5.78 -36.72
N PHE B 310 -3.78 5.35 -36.20
CA PHE B 310 -3.20 4.02 -36.45
C PHE B 310 -2.23 3.59 -35.33
N LEU B 311 -2.08 2.26 -35.11
CA LEU B 311 -1.16 1.69 -34.12
C LEU B 311 0.11 1.19 -34.81
N PRO B 312 1.32 1.39 -34.22
CA PRO B 312 2.53 0.83 -34.85
C PRO B 312 2.46 -0.70 -34.80
N LYS B 313 3.11 -1.39 -35.76
CA LYS B 313 3.12 -2.85 -35.77
C LYS B 313 3.79 -3.40 -34.49
N GLU B 314 4.70 -2.60 -33.90
CA GLU B 314 5.45 -2.92 -32.68
C GLU B 314 4.56 -3.17 -31.45
N ILE B 315 3.26 -2.79 -31.52
CA ILE B 315 2.27 -3.04 -30.45
C ILE B 315 2.20 -4.54 -30.12
N GLY B 316 2.46 -5.37 -31.14
CA GLY B 316 2.46 -6.82 -31.03
C GLY B 316 3.62 -7.39 -30.21
N GLN B 317 4.63 -6.57 -29.88
CA GLN B 317 5.79 -6.97 -29.06
C GLN B 317 5.49 -6.97 -27.54
N LEU B 318 4.33 -6.42 -27.14
CA LEU B 318 3.90 -6.31 -25.73
C LEU B 318 3.39 -7.66 -25.22
N ARG B 319 4.34 -8.60 -25.05
CA ARG B 319 4.05 -9.99 -24.65
C ARG B 319 3.31 -10.14 -23.32
N ASN B 320 3.46 -9.18 -22.39
CA ASN B 320 2.78 -9.26 -21.09
C ASN B 320 1.48 -8.49 -21.00
N LEU B 321 1.05 -7.86 -22.11
CA LEU B 321 -0.17 -7.07 -22.14
C LEU B 321 -1.38 -7.92 -21.93
N GLU B 322 -2.20 -7.54 -20.93
CA GLU B 322 -3.42 -8.25 -20.58
C GLU B 322 -4.63 -7.44 -20.90
N SER B 323 -4.52 -6.10 -20.87
CA SER B 323 -5.66 -5.23 -21.13
C SER B 323 -5.28 -4.09 -22.08
N LEU B 324 -6.08 -3.93 -23.14
CA LEU B 324 -5.85 -2.86 -24.14
C LEU B 324 -7.15 -2.12 -24.41
N ASP B 325 -7.14 -0.81 -24.12
CA ASP B 325 -8.35 0.00 -24.33
C ASP B 325 -8.14 0.99 -25.48
N LEU B 326 -8.80 0.77 -26.61
CA LEU B 326 -8.66 1.67 -27.77
C LEU B 326 -10.01 2.33 -28.11
N GLU B 327 -10.93 2.37 -27.13
CA GLU B 327 -12.28 2.93 -27.28
C GLU B 327 -12.26 4.37 -27.82
N HIS B 328 -13.17 4.70 -28.72
CA HIS B 328 -13.41 6.07 -29.21
C HIS B 328 -12.17 6.77 -29.83
N ASN B 329 -11.54 6.10 -30.78
CA ASN B 329 -10.41 6.68 -31.50
C ASN B 329 -10.80 6.72 -32.99
N GLN B 330 -9.85 6.98 -33.90
CA GLN B 330 -10.21 6.99 -35.32
C GLN B 330 -9.55 5.83 -36.05
N LEU B 331 -9.69 4.59 -35.51
CA LEU B 331 -9.08 3.41 -36.09
C LEU B 331 -9.95 2.77 -37.16
N ASN B 332 -9.38 2.66 -38.38
CA ASN B 332 -10.03 2.03 -39.52
C ASN B 332 -9.50 0.60 -39.64
N ALA B 333 -8.31 0.35 -39.02
CA ALA B 333 -7.66 -0.96 -39.00
C ALA B 333 -6.76 -1.21 -37.80
N LEU B 334 -6.60 -2.49 -37.48
CA LEU B 334 -5.69 -2.96 -36.43
C LEU B 334 -4.51 -3.64 -37.11
N PRO B 335 -3.27 -3.52 -36.60
CA PRO B 335 -2.16 -4.27 -37.24
C PRO B 335 -2.35 -5.78 -37.08
N LYS B 336 -1.84 -6.56 -38.05
CA LYS B 336 -1.93 -8.03 -38.01
C LYS B 336 -1.16 -8.59 -36.81
N GLU B 337 -0.15 -7.84 -36.34
CA GLU B 337 0.71 -8.15 -35.19
C GLU B 337 -0.06 -8.24 -33.87
N ILE B 338 -1.33 -7.76 -33.85
CA ILE B 338 -2.22 -7.85 -32.68
C ILE B 338 -2.36 -9.31 -32.21
N GLY B 339 -2.22 -10.25 -33.14
CA GLY B 339 -2.29 -11.69 -32.90
C GLY B 339 -1.17 -12.24 -32.02
N LYS B 340 -0.06 -11.51 -31.88
CA LYS B 340 1.09 -11.90 -31.05
C LYS B 340 0.85 -11.61 -29.56
N LEU B 341 -0.25 -10.88 -29.22
CA LEU B 341 -0.55 -10.56 -27.81
C LEU B 341 -1.19 -11.75 -27.12
N GLN B 342 -0.39 -12.81 -26.89
CA GLN B 342 -0.87 -14.08 -26.32
C GLN B 342 -1.42 -14.01 -24.90
N LYS B 343 -1.07 -12.97 -24.11
CA LYS B 343 -1.59 -12.82 -22.75
C LYS B 343 -2.79 -11.88 -22.66
N LEU B 344 -3.23 -11.33 -23.80
CA LEU B 344 -4.36 -10.39 -23.84
C LEU B 344 -5.66 -11.04 -23.41
N GLN B 345 -6.33 -10.45 -22.42
CA GLN B 345 -7.60 -10.97 -21.90
C GLN B 345 -8.77 -10.07 -22.21
N THR B 346 -8.53 -8.75 -22.29
CA THR B 346 -9.56 -7.75 -22.57
C THR B 346 -9.10 -6.81 -23.68
N LEU B 347 -9.95 -6.61 -24.68
CA LEU B 347 -9.66 -5.72 -25.80
C LEU B 347 -10.91 -4.89 -26.07
N ASN B 348 -10.79 -3.60 -25.89
CA ASN B 348 -11.92 -2.71 -26.10
C ASN B 348 -11.72 -1.89 -27.39
N LEU B 349 -12.56 -2.13 -28.40
CA LEU B 349 -12.49 -1.43 -29.70
C LEU B 349 -13.77 -0.64 -29.98
N LYS B 350 -14.57 -0.37 -28.93
CA LYS B 350 -15.81 0.39 -29.08
C LYS B 350 -15.58 1.75 -29.73
N TYR B 351 -16.56 2.22 -30.52
CA TYR B 351 -16.50 3.56 -31.13
C TYR B 351 -15.30 3.78 -32.04
N ASN B 352 -15.09 2.90 -33.02
CA ASN B 352 -14.02 3.12 -33.98
C ASN B 352 -14.63 3.05 -35.40
N GLN B 353 -13.79 3.05 -36.44
CA GLN B 353 -14.25 2.99 -37.83
C GLN B 353 -13.78 1.66 -38.45
N LEU B 354 -13.83 0.57 -37.64
CA LEU B 354 -13.38 -0.76 -38.07
C LEU B 354 -14.44 -1.47 -38.86
N ALA B 355 -14.19 -1.63 -40.17
CA ALA B 355 -15.12 -2.32 -41.06
C ALA B 355 -14.71 -3.79 -41.09
N THR B 356 -13.44 -4.06 -40.73
CA THR B 356 -12.84 -5.40 -40.70
C THR B 356 -11.80 -5.54 -39.56
N LEU B 357 -11.48 -6.80 -39.23
CA LEU B 357 -10.47 -7.16 -38.23
C LEU B 357 -9.47 -8.10 -38.87
N PRO B 358 -8.14 -8.04 -38.55
CA PRO B 358 -7.20 -8.97 -39.17
C PRO B 358 -7.54 -10.41 -38.82
N GLU B 359 -7.30 -11.33 -39.76
CA GLU B 359 -7.56 -12.76 -39.56
C GLU B 359 -6.79 -13.29 -38.34
N GLU B 360 -5.59 -12.73 -38.09
CA GLU B 360 -4.68 -13.04 -36.98
C GLU B 360 -5.31 -12.88 -35.58
N ILE B 361 -6.52 -12.28 -35.47
CA ILE B 361 -7.26 -12.12 -34.22
C ILE B 361 -7.65 -13.51 -33.65
N LYS B 362 -7.79 -14.53 -34.56
CA LYS B 362 -8.11 -15.93 -34.22
C LYS B 362 -7.02 -16.53 -33.31
N GLN B 363 -5.80 -15.96 -33.34
CA GLN B 363 -4.64 -16.39 -32.53
C GLN B 363 -4.73 -15.94 -31.06
N LEU B 364 -5.72 -15.07 -30.72
CA LEU B 364 -5.92 -14.54 -29.36
C LEU B 364 -6.75 -15.53 -28.54
N LYS B 365 -6.18 -16.74 -28.31
CA LYS B 365 -6.79 -17.87 -27.60
C LYS B 365 -7.14 -17.55 -26.14
N ASN B 366 -6.40 -16.63 -25.50
CA ASN B 366 -6.64 -16.22 -24.12
C ASN B 366 -7.63 -15.04 -23.96
N LEU B 367 -8.07 -14.44 -25.08
CA LEU B 367 -9.03 -13.33 -25.03
C LEU B 367 -10.37 -13.78 -24.42
N LYS B 368 -10.80 -13.06 -23.38
CA LYS B 368 -12.01 -13.38 -22.65
C LYS B 368 -13.12 -12.41 -22.99
N LYS B 369 -12.76 -11.13 -23.22
CA LYS B 369 -13.73 -10.07 -23.53
C LYS B 369 -13.29 -9.20 -24.70
N LEU B 370 -14.19 -9.03 -25.66
CA LEU B 370 -13.94 -8.22 -26.85
C LEU B 370 -15.15 -7.30 -27.05
N TYR B 371 -14.91 -5.98 -26.97
CA TYR B 371 -15.98 -4.97 -27.07
C TYR B 371 -15.94 -4.34 -28.46
N LEU B 372 -17.02 -4.51 -29.24
CA LEU B 372 -17.04 -4.05 -30.64
C LEU B 372 -18.17 -3.08 -31.01
N HIS B 373 -19.03 -2.75 -30.05
CA HIS B 373 -20.17 -1.85 -30.28
C HIS B 373 -19.75 -0.53 -30.95
N ASN B 374 -20.59 -0.01 -31.88
CA ASN B 374 -20.34 1.23 -32.62
C ASN B 374 -19.12 1.15 -33.50
N ASN B 375 -19.12 0.13 -34.35
CA ASN B 375 -18.13 -0.09 -35.40
C ASN B 375 -18.94 -0.53 -36.61
N PRO B 376 -18.58 -0.09 -37.83
CA PRO B 376 -19.35 -0.52 -39.00
C PRO B 376 -19.02 -1.97 -39.42
N LEU B 377 -19.35 -2.94 -38.55
CA LEU B 377 -19.11 -4.35 -38.79
C LEU B 377 -20.42 -5.03 -39.19
N PRO B 378 -20.49 -5.64 -40.40
CA PRO B 378 -21.75 -6.27 -40.84
C PRO B 378 -22.10 -7.50 -40.02
N SER B 379 -23.41 -7.76 -39.85
CA SER B 379 -23.99 -8.88 -39.08
C SER B 379 -23.40 -10.27 -39.39
N GLU B 380 -22.82 -10.43 -40.59
CA GLU B 380 -22.18 -11.65 -41.08
C GLU B 380 -20.74 -11.73 -40.57
N LYS B 381 -20.02 -10.59 -40.51
CA LYS B 381 -18.64 -10.50 -40.02
C LYS B 381 -18.59 -10.79 -38.51
N ILE B 382 -19.63 -10.34 -37.75
CA ILE B 382 -19.78 -10.57 -36.31
C ILE B 382 -19.91 -12.07 -36.03
N ALA B 383 -20.74 -12.75 -36.84
CA ALA B 383 -20.96 -14.20 -36.79
C ALA B 383 -19.64 -14.97 -37.01
N ARG B 384 -18.80 -14.47 -37.92
CA ARG B 384 -17.51 -15.07 -38.25
C ARG B 384 -16.51 -14.95 -37.10
N ILE B 385 -16.40 -13.73 -36.50
CA ILE B 385 -15.52 -13.40 -35.36
C ILE B 385 -15.88 -14.31 -34.17
N ARG B 386 -17.19 -14.46 -33.88
CA ARG B 386 -17.70 -15.31 -32.79
C ARG B 386 -17.20 -16.74 -32.90
N LYS B 387 -17.30 -17.33 -34.11
CA LYS B 387 -16.89 -18.71 -34.38
C LYS B 387 -15.38 -18.90 -34.31
N LEU B 388 -14.59 -17.86 -34.61
CA LEU B 388 -13.13 -17.92 -34.54
C LEU B 388 -12.62 -17.85 -33.12
N LEU B 389 -13.35 -17.16 -32.23
CA LEU B 389 -12.99 -17.04 -30.81
C LEU B 389 -14.15 -17.55 -29.94
N PRO B 390 -14.40 -18.89 -29.93
CA PRO B 390 -15.55 -19.39 -29.15
C PRO B 390 -15.44 -19.23 -27.63
N GLN B 391 -14.22 -19.06 -27.09
CA GLN B 391 -14.00 -18.88 -25.65
C GLN B 391 -14.10 -17.41 -25.22
N CYS B 392 -14.23 -16.52 -26.20
CA CYS B 392 -14.32 -15.09 -25.95
C CYS B 392 -15.77 -14.63 -25.91
N ILE B 393 -16.09 -13.71 -24.98
CA ILE B 393 -17.42 -13.08 -24.94
C ILE B 393 -17.27 -11.84 -25.82
N ILE B 394 -18.05 -11.79 -26.90
CA ILE B 394 -17.99 -10.68 -27.85
C ILE B 394 -19.23 -9.82 -27.68
N TYR B 395 -19.00 -8.56 -27.28
CA TYR B 395 -20.07 -7.59 -27.06
C TYR B 395 -20.27 -6.73 -28.29
N PHE B 396 -21.50 -6.76 -28.85
CA PHE B 396 -21.90 -5.99 -30.04
C PHE B 396 -23.41 -5.79 -30.06
ZN ZN C . -22.23 -29.18 5.64
ZN ZN D . -27.46 -26.63 -3.61
ZN ZN E . -15.47 -20.33 4.29
ZN ZN F . 4.15 -10.90 3.68
ZN ZN G . 3.44 -20.13 1.37
CA CA H . 8.60 3.84 5.44
S SO4 I . -15.98 16.57 4.64
O1 SO4 I . -15.20 17.09 3.51
O2 SO4 I . -16.75 17.64 5.30
O3 SO4 I . -15.08 15.91 5.60
O4 SO4 I . -16.95 15.55 4.18
ZN ZN J . -9.68 16.90 -5.86
ZN ZN K . -13.48 17.70 5.78
ZN ZN L . -8.47 8.83 15.68
ZN ZN M . -2.47 11.59 -3.04
#